data_9L8L
#
_entry.id   9L8L
#
loop_
_entity.id
_entity.type
_entity.pdbx_description
1 polymer 'Guanine nucleotide-binding protein G(s) subunit alpha isoforms short'
2 polymer 'Guanine nucleotide-binding protein G(I)/G(S)/G(T) subunit beta-1'
3 polymer Beta-arrestin-1
4 polymer 'Guanine nucleotide-binding protein G(I)/G(S)/G(O) subunit gamma-2'
5 polymer 'Beta-2 adrenergic receptor'
6 non-polymer '(3S,8S,9S,12S)-3,12-BIS(1,1-DIMETHYLETHYL)-8-HYDROXY-4,11-DIOXO-9-(PHENYLMETHYL)-6-[[4-(2-PYRIDINYL)PHENYL]METHYL]-2,5, 6,10,13-PENTAAZATETRADECANEDIOIC ACID DIMETHYL ESTER'
7 non-polymer 8-[(1R)-2-{[1,1-dimethyl-2-(2-methylphenyl)ethyl]amino}-1-hydroxyethyl]-5-hydroxy-2H-1,4-benzoxazin-3(4H)-one
#
loop_
_entity_poly.entity_id
_entity_poly.type
_entity_poly.pdbx_seq_one_letter_code
_entity_poly.pdbx_strand_id
1 'polypeptide(L)'
;MGCLGNSKTEDQRNEEKAQREANKKIEKQLQKDKQVYRATHRLLLLGAGESGKSTIVKQMRILHVNGFNGEGGEEDPQAA
RSNSDGEKATKVQDIKNNLKEAIETIVAAMSNLVPPVELANPENQFRVDYILSVMNVPDFDFPPEFYEHAKALWEDEGVR
ACYERSNEYQLIDCAQYFLDKIDVIKQDDYVPSDQDLLRCRVLTSGIFETKFQVDKVNFHMFDVGGQRDERRKWIQCFND
VTAIIFVVASSSYNMVIREDNQTNRLQEALNLFKSIWNNRWLRTISVILFLNKQDLLAEKVLAGKSKIEDYFPEFARYTT
PEDATPEPGEDPRVTRAKYFIRDEFLRISTASGDGRHYCYPHFTCAVDTENIRRVFNDCRDIIQRMHLRQYELL
;
A
2 'polypeptide(L)'
;MHHHHHHGSLLQSELDQLRQEAEQLKNQIRDARKACADATLSQITNNIDPVGRIQMRTRRTLRGHLAKIYAMHWGTDSRL
LVSASQDGKLIIWDSYTTNKVHAIPLRSSWVMTCAYAPSGNYVACGGLDNICSIYNLKTREGNVRVSRELAGHTGYLSCC
RFLDDNQIVTSSGDTTCALWDIETGQQTTTFTGHTGDVMSLSLAPDTRLFVSGACDASAKLWDVREGMCRQTFTGHESDI
NAICFFPNGNAFATGSDDATCRLFDLRADQELMTYSHDNIICGITSVSFSKSGRLLLAGYDDFNCNVWDALKADRAGVLA
GHDNRVSCLGVTDDGMAVATGSWDSFLKIWN
;
B
3 'polypeptide(L)'
;GDKGTRVFKKASPNGKLTVYLGKRDFVDHIDLVDPVDGVVLVDPEYLKERRVYVTLTCAFRYGREDLDVLGLTFRKDLFV
ANVQSFPPAPEDKKPLTRLQERLIKKLGEHAYPFTFEIPPNLPCSVTLQPGPEDTGKACGVDYEVKAFCAENLEEKIHKR
NSVRLVIRKVQYAPERPGPQPTAETTRQFLMSDKPLHLEASLDKEIYYHGEPISVNVHVTNNTNKTVKKIKISVRQYADI
CLFNTAQYKCPVAMEEADDTVAPSSTFCKVYTLTPFLANNREKRGLALDGKLKHEDTNLASSTLLREGANREILGIIVSY
KVKVKLVVSRGGLLGDLASSDVAVELPFTLMHPKPKEEPPHREVPENETPVDTNLIELDTNDDDIVFEDFAR
;
C
4 'polypeptide(L)' MASNNTASIAQARKLVEQLKMEANIDRIKVSKAAADLMAYCEAHAKEDPLLTPVPASENPFREKKFFC G
5 'polypeptide(L)'
;DYKDDDDAMGQPGNGSAFLLAPNRSHAPDHDVTQQRDEVWVVGMGIVMSLIVLAIVFGNVLVITAIAKFERLQTVTNYFI
TSLACADLVMGLAVVPFGAAHILMKMWTFGNFWCEFWTSIDVLCVTASIETLCVIAVDRYFAITSPFKYQSLLTKNKARV
IILMVWIVSGLTSFLPIQMHWYRATHQEAINCYANETCCDFFTNQAYAIASSIVSFYVPLVIMVFVYSRVFQEAKRQLQK
IDKSEGRFHVQNLSQVEQDGRTGHGLRRSSKFCLKEHKALRTLSVIMGTFTLCWLPFFIVNIVHVIQDNLIRKEVYILLN
WIGYVNSGFNPLIYCRSPDFRIAFQELLCLRRSSLKAYGNGYSSNGNTGEQSGYHVEQEKENKLLCEDLPGTEDFVGHQG
TVPSDNIDSQGRNCSTNDSLL
;
R
#
# COMPACT_ATOMS: atom_id res chain seq x y z
N ASP A 11 15.36 8.74 47.93
CA ASP A 11 16.22 7.91 47.09
C ASP A 11 15.52 7.49 45.79
N GLN A 12 14.47 6.67 45.91
CA GLN A 12 13.71 6.26 44.74
C GLN A 12 13.04 7.47 44.09
N ARG A 13 12.50 8.38 44.91
CA ARG A 13 11.96 9.63 44.37
C ARG A 13 13.06 10.44 43.69
N ASN A 14 14.27 10.45 44.28
CA ASN A 14 15.39 11.13 43.66
C ASN A 14 15.75 10.50 42.32
N GLU A 15 15.72 9.16 42.25
CA GLU A 15 16.00 8.48 41.00
C GLU A 15 14.96 8.82 39.94
N GLU A 16 13.68 8.84 40.34
CA GLU A 16 12.63 9.22 39.40
C GLU A 16 12.79 10.65 38.92
N LYS A 17 13.17 11.56 39.83
CA LYS A 17 13.38 12.96 39.44
C LYS A 17 14.54 13.08 38.46
N ALA A 18 15.63 12.35 38.70
CA ALA A 18 16.75 12.38 37.77
C ALA A 18 16.34 11.84 36.41
N GLN A 19 15.57 10.75 36.39
CA GLN A 19 15.10 10.19 35.13
C GLN A 19 14.21 11.17 34.40
N ARG A 20 13.35 11.88 35.13
CA ARG A 20 12.47 12.87 34.50
C ARG A 20 13.27 14.04 33.93
N GLU A 21 14.32 14.47 34.65
CA GLU A 21 15.17 15.54 34.13
C GLU A 21 15.86 15.09 32.85
N ALA A 22 16.34 13.85 32.82
CA ALA A 22 16.92 13.31 31.59
C ALA A 22 15.89 13.28 30.46
N ASN A 23 14.67 12.86 30.78
CA ASN A 23 13.62 12.80 29.76
C ASN A 23 13.40 14.19 29.17
N LYS A 24 13.31 15.21 30.03
CA LYS A 24 13.10 16.57 29.55
C LYS A 24 14.27 17.05 28.70
N LYS A 25 15.50 16.74 29.11
CA LYS A 25 16.67 17.17 28.34
C LYS A 25 16.67 16.56 26.94
N ILE A 26 16.45 15.25 26.85
CA ILE A 26 16.40 14.62 25.54
C ILE A 26 15.21 15.12 24.74
N GLU A 27 14.08 15.39 25.39
CA GLU A 27 12.92 15.90 24.68
C GLU A 27 13.21 17.25 24.04
N LYS A 28 13.91 18.13 24.76
CA LYS A 28 14.26 19.43 24.18
C LYS A 28 15.27 19.28 23.04
N GLN A 29 16.32 18.48 23.27
CA GLN A 29 17.32 18.28 22.23
C GLN A 29 16.74 17.59 21.00
N LEU A 30 15.62 16.90 21.16
CA LEU A 30 14.93 16.25 20.05
C LEU A 30 13.90 17.16 19.40
N GLN A 31 13.30 18.07 20.16
CA GLN A 31 12.44 19.09 19.56
C GLN A 31 13.25 19.99 18.63
N LYS A 32 14.48 20.33 19.02
CA LYS A 32 15.35 21.09 18.13
C LYS A 32 15.61 20.32 16.83
N ASP A 33 15.88 19.01 16.95
CA ASP A 33 16.11 18.19 15.77
C ASP A 33 14.86 18.12 14.90
N LYS A 34 13.68 18.03 15.52
CA LYS A 34 12.43 18.02 14.75
C LYS A 34 12.27 19.34 14.00
N GLN A 35 12.59 20.46 14.67
CA GLN A 35 12.46 21.77 14.03
C GLN A 35 13.37 21.88 12.82
N VAL A 36 14.60 21.36 12.92
CA VAL A 36 15.49 21.46 11.76
C VAL A 36 15.15 20.39 10.71
N TYR A 37 14.55 19.28 11.13
CA TYR A 37 14.25 18.19 10.22
C TYR A 37 13.04 18.48 9.34
N ARG A 38 12.01 19.12 9.92
CA ARG A 38 10.81 19.41 9.15
C ARG A 38 11.10 20.36 7.99
N ALA A 39 12.09 21.25 8.15
CA ALA A 39 12.41 22.22 7.12
C ALA A 39 13.28 21.63 6.01
N THR A 40 13.79 20.42 6.18
CA THR A 40 14.62 19.77 5.17
C THR A 40 13.82 18.67 4.50
N HIS A 41 13.70 18.75 3.18
CA HIS A 41 12.98 17.75 2.38
C HIS A 41 13.95 16.82 1.71
N ARG A 42 13.70 15.52 1.84
CA ARG A 42 14.59 14.50 1.32
C ARG A 42 14.46 14.39 -0.19
N LEU A 43 15.42 13.68 -0.80
CA LEU A 43 15.43 13.50 -2.24
C LEU A 43 16.09 12.16 -2.55
N LEU A 44 15.61 11.50 -3.61
CA LEU A 44 16.17 10.23 -4.05
C LEU A 44 16.86 10.47 -5.38
N LEU A 45 18.18 10.36 -5.39
CA LEU A 45 18.96 10.46 -6.63
C LEU A 45 19.14 9.05 -7.16
N LEU A 46 18.57 8.78 -8.34
CA LEU A 46 18.52 7.44 -8.89
C LEU A 46 19.28 7.41 -10.22
N GLY A 47 19.20 6.29 -10.91
CA GLY A 47 19.89 6.13 -12.17
C GLY A 47 19.94 4.68 -12.58
N ALA A 48 20.83 4.39 -13.52
CA ALA A 48 21.02 3.05 -14.05
C ALA A 48 22.50 2.72 -14.16
N GLY A 49 23.27 3.09 -13.13
CA GLY A 49 24.69 2.85 -13.14
C GLY A 49 25.43 3.94 -13.90
N GLU A 50 25.80 3.65 -15.14
CA GLU A 50 26.43 4.63 -16.01
C GLU A 50 25.41 5.46 -16.78
N SER A 51 24.19 5.59 -16.24
CA SER A 51 23.14 6.33 -16.92
C SER A 51 23.47 7.82 -17.07
N GLY A 52 24.32 8.35 -16.21
CA GLY A 52 24.68 9.75 -16.30
C GLY A 52 24.38 10.55 -15.06
N LYS A 53 24.27 9.86 -13.92
CA LYS A 53 24.11 10.54 -12.64
C LYS A 53 25.47 10.97 -12.11
N SER A 54 26.24 11.66 -12.92
CA SER A 54 27.62 12.00 -12.58
C SER A 54 27.77 13.44 -12.09
N THR A 55 27.38 14.41 -12.91
CA THR A 55 27.46 15.80 -12.49
C THR A 55 26.23 16.25 -11.72
N ILE A 56 25.13 15.49 -11.79
CA ILE A 56 23.93 15.86 -11.04
C ILE A 56 24.15 15.67 -9.55
N VAL A 57 24.87 14.60 -9.16
CA VAL A 57 25.14 14.37 -7.75
C VAL A 57 26.03 15.46 -7.15
N LYS A 58 26.79 16.18 -7.99
CA LYS A 58 27.63 17.27 -7.52
C LYS A 58 27.14 18.65 -7.93
N GLN A 59 26.29 18.73 -8.96
CA GLN A 59 25.79 20.02 -9.43
C GLN A 59 24.49 19.85 -10.21
N PHE A 208 27.04 9.19 0.67
CA PHE A 208 26.38 9.67 -0.54
C PHE A 208 25.38 10.78 -0.24
N GLU A 209 25.72 11.61 0.75
CA GLU A 209 24.86 12.73 1.14
C GLU A 209 25.27 13.97 0.35
N THR A 210 24.29 14.69 -0.17
CA THR A 210 24.50 15.81 -1.07
C THR A 210 23.70 17.03 -0.64
N LYS A 211 23.83 17.39 0.65
CA LYS A 211 23.12 18.53 1.20
C LYS A 211 23.39 19.80 0.39
N PHE A 212 22.32 20.49 -0.01
CA PHE A 212 22.43 21.80 -0.61
C PHE A 212 21.15 22.57 -0.36
N GLN A 213 21.28 23.88 -0.17
CA GLN A 213 20.15 24.75 0.12
C GLN A 213 20.03 25.79 -0.98
N VAL A 214 18.88 25.85 -1.63
CA VAL A 214 18.60 26.80 -2.70
C VAL A 214 17.36 27.58 -2.31
N ASP A 215 17.43 28.91 -2.45
CA ASP A 215 16.33 29.80 -2.06
C ASP A 215 15.94 29.60 -0.60
N LYS A 216 16.94 29.48 0.26
CA LYS A 216 16.78 29.42 1.71
C LYS A 216 15.99 28.20 2.18
N VAL A 217 15.84 27.18 1.33
CA VAL A 217 15.26 25.91 1.73
C VAL A 217 16.25 24.80 1.37
N ASN A 218 16.49 23.90 2.31
CA ASN A 218 17.53 22.90 2.16
C ASN A 218 16.97 21.62 1.58
N PHE A 219 17.78 20.98 0.72
CA PHE A 219 17.45 19.69 0.14
C PHE A 219 18.69 18.81 0.20
N HIS A 220 18.48 17.50 0.19
CA HIS A 220 19.60 16.56 0.15
C HIS A 220 19.17 15.31 -0.60
N MET A 221 19.98 14.92 -1.58
CA MET A 221 19.75 13.71 -2.35
C MET A 221 20.66 12.59 -1.86
N PHE A 222 20.15 11.37 -1.92
CA PHE A 222 20.88 10.21 -1.40
C PHE A 222 21.05 9.21 -2.54
N ASP A 223 22.24 9.18 -3.13
CA ASP A 223 22.55 8.18 -4.15
C ASP A 223 22.45 6.79 -3.54
N VAL A 224 21.77 5.90 -4.27
CA VAL A 224 21.45 4.58 -3.71
C VAL A 224 22.73 3.78 -3.45
N GLY A 225 23.64 3.76 -4.41
CA GLY A 225 24.91 3.08 -4.21
C GLY A 225 24.90 1.66 -4.73
N GLY A 226 25.59 1.42 -5.84
CA GLY A 226 25.69 0.08 -6.38
C GLY A 226 24.45 -0.40 -7.10
N GLN A 227 23.37 -0.60 -6.34
CA GLN A 227 22.09 -1.10 -6.87
C GLN A 227 22.28 -2.45 -7.57
N ARG A 228 22.67 -3.44 -6.77
CA ARG A 228 22.95 -4.78 -7.28
C ARG A 228 21.73 -5.41 -7.92
N ASP A 229 20.71 -5.68 -7.12
CA ASP A 229 19.49 -6.34 -7.59
C ASP A 229 18.45 -6.22 -6.48
N GLU A 230 17.21 -6.59 -6.82
CA GLU A 230 16.08 -6.51 -5.90
C GLU A 230 15.97 -5.10 -5.32
N ARG A 231 15.70 -4.15 -6.22
CA ARG A 231 15.70 -2.74 -5.83
C ARG A 231 14.65 -2.43 -4.77
N ARG A 232 13.57 -3.21 -4.72
CA ARG A 232 12.49 -2.94 -3.77
C ARG A 232 12.93 -3.14 -2.33
N LYS A 233 14.08 -3.78 -2.10
CA LYS A 233 14.56 -3.98 -0.73
C LYS A 233 14.86 -2.64 -0.04
N TRP A 234 15.49 -1.71 -0.76
CA TRP A 234 15.78 -0.40 -0.22
C TRP A 234 14.81 0.68 -0.68
N ILE A 235 13.82 0.33 -1.50
CA ILE A 235 12.77 1.29 -1.84
C ILE A 235 11.88 1.56 -0.64
N GLN A 236 11.69 0.57 0.23
CA GLN A 236 10.76 0.68 1.34
C GLN A 236 11.12 1.77 2.34
N CYS A 237 12.35 2.28 2.30
CA CYS A 237 12.74 3.37 3.20
C CYS A 237 12.59 4.74 2.55
N PHE A 238 12.69 4.81 1.22
CA PHE A 238 12.67 6.09 0.51
C PHE A 238 11.26 6.44 0.04
N ASN A 239 10.33 6.51 1.00
CA ASN A 239 8.99 6.99 0.71
C ASN A 239 8.60 8.22 1.50
N ASP A 240 9.38 8.61 2.50
CA ASP A 240 9.19 9.89 3.18
C ASP A 240 9.83 11.04 2.44
N VAL A 241 10.53 10.77 1.34
CA VAL A 241 11.13 11.81 0.50
C VAL A 241 10.03 12.58 -0.21
N THR A 242 10.39 13.69 -0.85
CA THR A 242 9.41 14.45 -1.61
C THR A 242 9.47 14.17 -3.11
N ALA A 243 10.57 13.62 -3.61
CA ALA A 243 10.71 13.35 -5.04
C ALA A 243 11.80 12.30 -5.22
N ILE A 244 11.85 11.73 -6.43
CA ILE A 244 12.83 10.72 -6.80
C ILE A 244 13.52 11.23 -8.06
N ILE A 245 14.67 11.87 -7.89
CA ILE A 245 15.39 12.41 -9.04
C ILE A 245 16.00 11.22 -9.77
N PHE A 246 15.34 10.79 -10.83
CA PHE A 246 15.68 9.54 -11.50
C PHE A 246 16.30 9.85 -12.85
N VAL A 247 17.60 9.58 -12.96
CA VAL A 247 18.38 9.92 -14.15
C VAL A 247 18.12 8.90 -15.24
N VAL A 248 18.00 9.36 -16.47
CA VAL A 248 17.74 8.51 -17.63
C VAL A 248 18.81 8.76 -18.68
N ALA A 249 19.38 7.67 -19.21
CA ALA A 249 20.23 7.79 -20.38
C ALA A 249 19.38 8.03 -21.61
N SER A 250 19.75 9.04 -22.40
CA SER A 250 18.97 9.38 -23.59
C SER A 250 19.84 9.37 -24.83
N SER A 251 21.01 8.75 -24.78
CA SER A 251 21.83 8.50 -25.95
C SER A 251 22.15 7.03 -26.12
N SER A 252 21.49 6.16 -25.33
CA SER A 252 21.69 4.72 -25.36
C SER A 252 20.56 4.01 -26.08
N TYR A 253 20.03 4.62 -27.14
CA TYR A 253 18.95 3.99 -27.90
C TYR A 253 19.42 2.69 -28.54
N ASN A 254 20.62 2.66 -29.10
CA ASN A 254 21.10 1.46 -29.76
C ASN A 254 21.37 0.34 -28.77
N MET A 255 22.06 0.65 -27.67
CA MET A 255 22.38 -0.36 -26.67
C MET A 255 22.71 0.29 -25.33
N THR A 263 21.10 -5.37 -25.43
CA THR A 263 20.90 -4.80 -24.10
C THR A 263 19.70 -3.88 -24.05
N ASN A 264 19.70 -2.88 -24.94
CA ASN A 264 18.65 -1.86 -25.00
C ASN A 264 18.51 -1.17 -23.63
N ARG A 265 19.58 -0.47 -23.26
CA ARG A 265 19.64 0.19 -21.96
C ARG A 265 18.47 1.16 -21.76
N LEU A 266 17.97 1.77 -22.84
CA LEU A 266 16.77 2.60 -22.71
C LEU A 266 15.57 1.77 -22.30
N GLN A 267 15.41 0.57 -22.88
CA GLN A 267 14.32 -0.30 -22.50
C GLN A 267 14.44 -0.75 -21.05
N GLU A 268 15.67 -1.05 -20.61
CA GLU A 268 15.88 -1.41 -19.21
C GLU A 268 15.54 -0.24 -18.29
N ALA A 269 15.91 0.98 -18.69
CA ALA A 269 15.56 2.15 -17.90
C ALA A 269 14.05 2.32 -17.82
N LEU A 270 13.35 2.11 -18.93
CA LEU A 270 11.90 2.18 -18.92
C LEU A 270 11.32 1.13 -17.97
N ASN A 271 11.85 -0.09 -18.01
CA ASN A 271 11.34 -1.16 -17.15
C ASN A 271 11.54 -0.81 -15.68
N LEU A 272 12.73 -0.31 -15.33
CA LEU A 272 12.99 0.02 -13.94
C LEU A 272 12.17 1.22 -13.50
N PHE A 273 11.92 2.16 -14.42
CA PHE A 273 11.03 3.27 -14.10
C PHE A 273 9.62 2.78 -13.83
N LYS A 274 9.13 1.82 -14.61
CA LYS A 274 7.82 1.25 -14.36
C LYS A 274 7.80 0.55 -13.01
N SER A 275 8.89 -0.16 -12.67
CA SER A 275 8.98 -0.80 -11.36
C SER A 275 8.89 0.23 -10.24
N ILE A 276 9.66 1.32 -10.36
CA ILE A 276 9.62 2.37 -9.34
C ILE A 276 8.23 2.99 -9.25
N TRP A 277 7.57 3.19 -10.39
CA TRP A 277 6.23 3.78 -10.43
C TRP A 277 5.19 2.90 -9.77
N ASN A 278 5.26 1.58 -9.98
CA ASN A 278 4.18 0.68 -9.59
C ASN A 278 4.37 0.03 -8.22
N ASN A 279 5.44 0.36 -7.50
CA ASN A 279 5.56 -0.13 -6.13
C ASN A 279 4.45 0.43 -5.26
N ARG A 280 3.85 -0.44 -4.45
CA ARG A 280 2.76 -0.01 -3.58
C ARG A 280 3.23 1.00 -2.55
N TRP A 281 4.43 0.79 -2.01
CA TRP A 281 5.01 1.70 -1.03
C TRP A 281 5.61 2.94 -1.68
N LEU A 282 5.67 2.99 -3.01
CA LEU A 282 6.07 4.18 -3.75
C LEU A 282 4.94 4.70 -4.61
N ARG A 283 3.70 4.32 -4.31
CA ARG A 283 2.52 4.74 -5.05
C ARG A 283 1.99 6.10 -4.60
N THR A 284 2.81 6.89 -3.92
CA THR A 284 2.41 8.21 -3.46
C THR A 284 3.48 9.22 -3.82
N ILE A 285 4.73 8.74 -3.97
CA ILE A 285 5.88 9.61 -4.13
C ILE A 285 6.08 9.88 -5.62
N SER A 286 6.08 11.15 -6.00
CA SER A 286 6.21 11.55 -7.39
C SER A 286 7.67 11.52 -7.81
N VAL A 287 7.94 11.02 -9.00
CA VAL A 287 9.29 10.88 -9.53
C VAL A 287 9.52 11.96 -10.59
N ILE A 288 10.64 12.66 -10.47
CA ILE A 288 11.06 13.67 -11.43
C ILE A 288 12.07 13.04 -12.38
N LEU A 289 11.81 13.15 -13.67
CA LEU A 289 12.69 12.60 -14.71
C LEU A 289 13.81 13.57 -15.03
N PHE A 290 14.85 13.03 -15.68
CA PHE A 290 15.95 13.85 -16.17
C PHE A 290 16.58 13.09 -17.33
N LEU A 291 16.27 13.49 -18.55
CA LEU A 291 16.80 12.83 -19.74
C LEU A 291 18.16 13.42 -20.05
N ASN A 292 19.22 12.76 -19.61
CA ASN A 292 20.55 13.31 -19.69
C ASN A 292 21.21 12.98 -21.04
N LYS A 293 22.42 13.52 -21.21
CA LYS A 293 23.18 13.39 -22.45
C LYS A 293 22.35 13.85 -23.65
N GLN A 294 21.70 15.00 -23.50
CA GLN A 294 21.01 15.60 -24.64
C GLN A 294 21.99 16.04 -25.72
N ASP A 295 23.16 16.54 -25.33
CA ASP A 295 24.20 16.85 -26.33
C ASP A 295 24.67 15.58 -27.02
N LEU A 296 24.88 14.51 -26.25
CA LEU A 296 25.23 13.23 -26.86
C LEU A 296 24.09 12.70 -27.73
N LEU A 297 22.84 12.90 -27.31
CA LEU A 297 21.70 12.52 -28.13
C LEU A 297 21.73 13.25 -29.47
N ALA A 298 21.96 14.57 -29.43
CA ALA A 298 22.01 15.35 -30.66
C ALA A 298 23.15 14.89 -31.56
N GLU A 299 24.31 14.62 -30.97
CA GLU A 299 25.45 14.13 -31.76
C GLU A 299 25.12 12.79 -32.40
N LYS A 300 24.45 11.90 -31.66
CA LYS A 300 24.09 10.60 -32.20
C LYS A 300 23.08 10.72 -33.34
N VAL A 301 22.09 11.60 -33.18
CA VAL A 301 21.04 11.69 -34.19
C VAL A 301 21.46 12.49 -35.40
N LEU A 302 22.45 13.38 -35.27
CA LEU A 302 22.86 14.20 -36.41
C LEU A 302 23.37 13.34 -37.56
N ALA A 303 24.22 12.36 -37.26
CA ALA A 303 24.70 11.47 -38.31
C ALA A 303 23.68 10.37 -38.61
N GLY A 304 23.07 9.80 -37.57
CA GLY A 304 22.03 8.81 -37.76
C GLY A 304 22.50 7.53 -38.42
N LYS A 305 23.75 7.13 -38.20
CA LYS A 305 24.19 5.83 -38.67
C LYS A 305 23.37 4.72 -38.04
N SER A 306 23.15 4.81 -36.73
CA SER A 306 22.17 3.97 -36.08
C SER A 306 20.77 4.46 -36.45
N LYS A 307 19.84 3.52 -36.57
CA LYS A 307 18.45 3.90 -36.79
C LYS A 307 17.96 4.75 -35.64
N ILE A 308 17.20 5.80 -35.96
CA ILE A 308 16.87 6.82 -34.97
C ILE A 308 16.20 6.19 -33.76
N GLU A 309 15.19 5.35 -33.99
CA GLU A 309 14.54 4.65 -32.91
C GLU A 309 14.15 3.22 -33.26
N ASP A 310 14.55 2.72 -34.43
CA ASP A 310 14.05 1.42 -34.90
C ASP A 310 14.39 0.30 -33.93
N TYR A 311 15.49 0.44 -33.18
CA TYR A 311 15.81 -0.54 -32.16
C TYR A 311 14.72 -0.59 -31.08
N PHE A 312 14.01 0.52 -30.89
CA PHE A 312 12.80 0.57 -30.09
C PHE A 312 11.63 0.71 -31.06
N PRO A 313 11.14 -0.39 -31.63
CA PRO A 313 10.26 -0.28 -32.81
C PRO A 313 8.90 0.34 -32.53
N GLU A 314 8.68 0.80 -31.29
CA GLU A 314 7.42 1.44 -30.95
C GLU A 314 7.21 2.73 -31.74
N PHE A 315 8.28 3.31 -32.28
CA PHE A 315 8.15 4.53 -33.08
C PHE A 315 7.65 4.16 -34.47
N ALA A 316 6.34 4.22 -34.64
CA ALA A 316 5.74 4.09 -35.97
C ALA A 316 4.63 5.10 -36.23
N ARG A 317 4.06 5.74 -35.20
CA ARG A 317 3.04 6.76 -35.38
C ARG A 317 3.21 7.98 -34.51
N TYR A 318 4.09 7.96 -33.51
CA TYR A 318 4.28 9.10 -32.61
C TYR A 318 5.28 10.08 -33.24
N THR A 319 4.82 10.74 -34.30
CA THR A 319 5.69 11.62 -35.08
C THR A 319 5.67 13.05 -34.56
N THR A 320 4.50 13.68 -34.57
CA THR A 320 4.36 15.08 -34.16
C THR A 320 3.33 15.17 -33.05
N PRO A 321 3.78 15.20 -31.78
CA PRO A 321 2.83 15.32 -30.66
C PRO A 321 2.16 16.68 -30.56
N GLU A 322 2.39 17.57 -31.52
CA GLU A 322 1.86 18.94 -31.58
C GLU A 322 2.40 19.83 -30.45
N ASP A 323 3.31 19.33 -29.63
CA ASP A 323 3.93 20.13 -28.58
C ASP A 323 5.08 20.91 -29.20
N ALA A 324 4.91 22.22 -29.34
CA ALA A 324 5.91 23.04 -29.99
C ALA A 324 7.19 23.09 -29.17
N THR A 325 8.33 23.01 -29.86
CA THR A 325 9.66 23.10 -29.26
C THR A 325 10.48 24.13 -30.02
N PRO A 326 10.20 25.42 -29.80
CA PRO A 326 10.84 26.48 -30.59
C PRO A 326 12.29 26.74 -30.19
N GLU A 327 12.89 25.81 -29.44
CA GLU A 327 14.26 26.00 -28.98
C GLU A 327 15.19 26.21 -30.16
N PRO A 328 16.05 27.23 -30.13
CA PRO A 328 16.96 27.46 -31.26
C PRO A 328 18.06 26.42 -31.31
N GLY A 329 18.65 26.30 -32.49
CA GLY A 329 19.74 25.36 -32.70
C GLY A 329 19.34 23.91 -32.52
N GLU A 330 18.17 23.55 -33.04
CA GLU A 330 17.66 22.19 -32.96
C GLU A 330 17.53 21.62 -34.38
N ASP A 331 17.00 20.40 -34.46
CA ASP A 331 16.77 19.71 -35.72
C ASP A 331 15.50 18.88 -35.62
N PRO A 332 14.63 18.90 -36.64
CA PRO A 332 13.32 18.27 -36.50
C PRO A 332 13.36 16.80 -36.12
N ARG A 333 14.31 16.05 -36.67
CA ARG A 333 14.44 14.65 -36.27
C ARG A 333 14.78 14.54 -34.79
N VAL A 334 15.66 15.41 -34.31
CA VAL A 334 16.03 15.38 -32.90
C VAL A 334 14.81 15.67 -32.03
N THR A 335 14.01 16.66 -32.42
CA THR A 335 12.82 16.99 -31.62
C THR A 335 11.82 15.84 -31.62
N ARG A 336 11.63 15.19 -32.78
CA ARG A 336 10.71 14.06 -32.82
C ARG A 336 11.20 12.93 -31.93
N ALA A 337 12.51 12.66 -31.97
CA ALA A 337 13.07 11.62 -31.11
C ALA A 337 12.92 11.98 -29.63
N LYS A 338 13.14 13.25 -29.30
CA LYS A 338 13.01 13.67 -27.91
C LYS A 338 11.58 13.50 -27.43
N TYR A 339 10.62 13.88 -28.27
CA TYR A 339 9.21 13.72 -27.90
C TYR A 339 8.87 12.25 -27.69
N PHE A 340 9.36 11.37 -28.58
CA PHE A 340 9.12 9.95 -28.39
C PHE A 340 9.73 9.45 -27.08
N ILE A 341 10.96 9.86 -26.79
CA ILE A 341 11.63 9.36 -25.59
C ILE A 341 10.90 9.82 -24.35
N ARG A 342 10.48 11.08 -24.31
CA ARG A 342 9.73 11.57 -23.16
C ARG A 342 8.39 10.85 -23.03
N ASP A 343 7.69 10.64 -24.14
CA ASP A 343 6.40 9.95 -24.07
C ASP A 343 6.58 8.51 -23.63
N GLU A 344 7.76 7.93 -23.85
CA GLU A 344 7.99 6.56 -23.40
C GLU A 344 7.79 6.43 -21.90
N PHE A 345 8.17 7.46 -21.14
CA PHE A 345 7.87 7.49 -19.71
C PHE A 345 6.51 8.08 -19.42
N LEU A 346 6.02 8.99 -20.28
CA LEU A 346 4.73 9.61 -20.04
C LEU A 346 3.59 8.60 -20.07
N ARG A 347 3.66 7.61 -20.99
CA ARG A 347 2.63 6.59 -21.04
C ARG A 347 2.57 5.80 -19.75
N ILE A 348 3.73 5.40 -19.22
CA ILE A 348 3.77 4.68 -17.95
C ILE A 348 3.26 5.58 -16.83
N SER A 349 3.54 6.88 -16.90
CA SER A 349 3.07 7.79 -15.87
C SER A 349 1.55 7.88 -15.85
N THR A 350 0.94 8.08 -17.02
CA THR A 350 -0.52 8.17 -17.09
C THR A 350 -1.21 6.82 -17.00
N ALA A 351 -0.46 5.72 -17.03
CA ALA A 351 -1.08 4.41 -16.87
C ALA A 351 -1.73 4.28 -15.50
N SER A 352 -1.07 4.78 -14.46
CA SER A 352 -1.59 4.72 -13.10
C SER A 352 -2.11 6.11 -12.72
N GLY A 353 -3.43 6.25 -12.61
CA GLY A 353 -4.03 7.52 -12.25
C GLY A 353 -4.29 7.68 -10.77
N ASP A 354 -3.23 7.57 -9.96
CA ASP A 354 -3.39 7.75 -8.52
C ASP A 354 -3.83 9.17 -8.16
N GLY A 355 -3.27 10.16 -8.84
CA GLY A 355 -3.59 11.55 -8.58
C GLY A 355 -2.75 12.22 -7.51
N ARG A 356 -1.94 11.45 -6.78
CA ARG A 356 -1.05 11.99 -5.76
C ARG A 356 0.38 12.10 -6.26
N HIS A 357 0.88 11.05 -6.92
CA HIS A 357 2.21 11.10 -7.51
C HIS A 357 2.07 11.32 -9.02
N TYR A 358 2.89 12.22 -9.55
CA TYR A 358 2.87 12.57 -10.96
C TYR A 358 4.28 12.41 -11.55
N CYS A 359 4.41 12.84 -12.79
CA CYS A 359 5.67 12.79 -13.53
C CYS A 359 6.07 14.19 -13.97
N TYR A 360 7.37 14.47 -13.96
CA TYR A 360 7.91 15.76 -14.37
C TYR A 360 9.05 15.53 -15.35
N PRO A 361 8.74 15.12 -16.57
CA PRO A 361 9.80 14.86 -17.55
C PRO A 361 10.50 16.16 -17.92
N HIS A 362 11.83 16.16 -17.80
CA HIS A 362 12.60 17.37 -17.98
C HIS A 362 13.87 17.03 -18.74
N PHE A 363 14.39 18.02 -19.44
CA PHE A 363 15.58 17.85 -20.26
C PHE A 363 16.81 18.37 -19.52
N THR A 364 17.91 17.64 -19.67
CA THR A 364 19.18 18.03 -19.08
C THR A 364 20.28 18.00 -20.13
N CYS A 365 21.52 18.11 -19.69
CA CYS A 365 22.67 18.05 -20.59
C CYS A 365 23.92 17.86 -19.74
N ALA A 366 25.04 17.60 -20.41
CA ALA A 366 26.32 17.58 -19.70
C ALA A 366 26.62 18.95 -19.12
N VAL A 367 26.36 20.01 -19.88
CA VAL A 367 26.47 21.37 -19.38
C VAL A 367 25.07 21.92 -19.14
N ASP A 368 24.58 21.76 -17.91
CA ASP A 368 23.22 22.16 -17.56
C ASP A 368 23.19 23.51 -16.83
N THR A 369 23.87 23.60 -15.69
CA THR A 369 23.97 24.82 -14.90
C THR A 369 22.62 25.42 -14.55
N GLU A 370 21.55 24.62 -14.58
CA GLU A 370 20.23 25.15 -14.27
C GLU A 370 19.38 24.25 -13.38
N ASN A 371 19.73 22.97 -13.20
CA ASN A 371 18.85 22.08 -12.44
C ASN A 371 18.77 22.45 -10.97
N ILE A 372 19.69 23.28 -10.48
CA ILE A 372 19.59 23.75 -9.10
C ILE A 372 18.31 24.54 -8.90
N ARG A 373 17.79 25.14 -9.96
CA ARG A 373 16.50 25.82 -9.91
C ARG A 373 15.36 24.89 -10.33
N ARG A 374 15.64 23.97 -11.25
CA ARG A 374 14.61 23.09 -11.78
C ARG A 374 14.09 22.13 -10.72
N VAL A 375 15.00 21.55 -9.93
CA VAL A 375 14.56 20.64 -8.87
C VAL A 375 13.77 21.40 -7.82
N PHE A 376 14.16 22.64 -7.53
CA PHE A 376 13.40 23.46 -6.59
C PHE A 376 11.99 23.71 -7.10
N ASN A 377 11.85 24.10 -8.36
CA ASN A 377 10.52 24.38 -8.91
C ASN A 377 9.66 23.12 -8.91
N ASP A 378 10.24 21.98 -9.30
CA ASP A 378 9.45 20.76 -9.34
C ASP A 378 9.06 20.30 -7.94
N CYS A 379 9.94 20.48 -6.96
CA CYS A 379 9.58 20.15 -5.59
C CYS A 379 8.47 21.05 -5.07
N ARG A 380 8.53 22.33 -5.42
CA ARG A 380 7.45 23.25 -5.04
C ARG A 380 6.12 22.80 -5.66
N ASP A 381 6.15 22.41 -6.93
CA ASP A 381 4.94 21.93 -7.58
C ASP A 381 4.42 20.66 -6.91
N ILE A 382 5.33 19.76 -6.51
CA ILE A 382 4.90 18.53 -5.84
C ILE A 382 4.21 18.86 -4.53
N ILE A 383 4.80 19.76 -3.75
CA ILE A 383 4.21 20.11 -2.44
C ILE A 383 2.85 20.77 -2.64
N GLN A 384 2.76 21.69 -3.59
CA GLN A 384 1.48 22.35 -3.85
C GLN A 384 0.42 21.35 -4.31
N ARG A 385 0.80 20.40 -5.15
CA ARG A 385 -0.16 19.42 -5.64
C ARG A 385 -0.62 18.49 -4.52
N MET A 386 0.29 18.09 -3.64
CA MET A 386 -0.11 17.27 -2.50
C MET A 386 -1.09 18.02 -1.61
N HIS A 387 -0.79 19.29 -1.33
CA HIS A 387 -1.70 20.09 -0.50
C HIS A 387 -3.05 20.27 -1.16
N LEU A 388 -3.06 20.52 -2.48
CA LEU A 388 -4.32 20.67 -3.20
C LEU A 388 -5.14 19.39 -3.16
N ARG A 389 -4.49 18.24 -3.33
CA ARG A 389 -5.21 16.98 -3.22
C ARG A 389 -5.78 16.78 -1.82
N GLN A 390 -5.03 17.18 -0.80
CA GLN A 390 -5.53 17.03 0.57
C GLN A 390 -6.76 17.89 0.82
N TYR A 391 -6.77 19.12 0.29
CA TYR A 391 -7.85 20.06 0.56
C TYR A 391 -9.04 19.90 -0.39
N GLU A 392 -8.99 18.91 -1.29
CA GLU A 392 -10.06 18.60 -2.24
C GLU A 392 -10.28 19.70 -3.28
N LEU A 393 -9.43 20.72 -3.32
CA LEU A 393 -9.51 21.71 -4.38
C LEU A 393 -9.15 21.12 -5.74
N LEU A 394 -8.48 19.98 -5.75
CA LEU A 394 -8.12 19.31 -6.99
C LEU A 394 -8.44 17.83 -6.91
N GLN B 12 29.84 -28.07 -21.53
CA GLN B 12 28.50 -28.20 -20.95
C GLN B 12 28.38 -29.49 -20.15
N SER B 13 29.37 -30.38 -20.30
CA SER B 13 29.36 -31.63 -19.56
C SER B 13 29.46 -31.39 -18.06
N GLU B 14 30.34 -30.47 -17.64
CA GLU B 14 30.48 -30.19 -16.22
C GLU B 14 29.21 -29.58 -15.64
N LEU B 15 28.60 -28.63 -16.36
CA LEU B 15 27.37 -28.01 -15.88
C LEU B 15 26.23 -29.02 -15.78
N ASP B 16 26.10 -29.88 -16.79
CA ASP B 16 25.05 -30.90 -16.75
C ASP B 16 25.28 -31.89 -15.61
N GLN B 17 26.54 -32.29 -15.39
CA GLN B 17 26.85 -33.16 -14.27
C GLN B 17 26.51 -32.50 -12.94
N LEU B 18 26.86 -31.22 -12.79
CA LEU B 18 26.55 -30.50 -11.57
C LEU B 18 25.05 -30.42 -11.35
N ARG B 19 24.28 -30.17 -12.43
CA ARG B 19 22.83 -30.14 -12.32
C ARG B 19 22.29 -31.50 -11.89
N GLN B 20 22.85 -32.58 -12.45
CA GLN B 20 22.39 -33.91 -12.08
C GLN B 20 22.66 -34.22 -10.60
N GLU B 21 23.86 -33.88 -10.12
CA GLU B 21 24.14 -34.11 -8.71
C GLU B 21 23.29 -33.22 -7.81
N ALA B 22 23.01 -32.00 -8.26
CA ALA B 22 22.12 -31.12 -7.49
C ALA B 22 20.72 -31.71 -7.40
N GLU B 23 20.22 -32.26 -8.51
CA GLU B 23 18.91 -32.90 -8.49
C GLU B 23 18.90 -34.11 -7.57
N GLN B 24 19.97 -34.91 -7.60
CA GLN B 24 20.05 -36.07 -6.71
C GLN B 24 20.09 -35.65 -5.25
N LEU B 25 20.86 -34.60 -4.93
CA LEU B 25 20.92 -34.12 -3.55
C LEU B 25 19.58 -33.55 -3.11
N LYS B 26 18.88 -32.86 -4.00
CA LYS B 26 17.55 -32.36 -3.68
C LYS B 26 16.58 -33.51 -3.44
N ASN B 27 16.69 -34.58 -4.23
CA ASN B 27 15.85 -35.76 -4.02
C ASN B 27 16.14 -36.39 -2.65
N GLN B 28 17.41 -36.49 -2.29
CA GLN B 28 17.76 -37.03 -0.98
C GLN B 28 17.23 -36.13 0.14
N ILE B 29 17.33 -34.82 -0.04
CA ILE B 29 16.88 -33.87 0.97
C ILE B 29 15.37 -33.98 1.17
N ARG B 30 14.62 -34.02 0.07
CA ARG B 30 13.17 -34.12 0.19
C ARG B 30 12.77 -35.49 0.72
N ASP B 31 13.52 -36.54 0.41
CA ASP B 31 13.24 -37.84 1.01
C ASP B 31 13.44 -37.81 2.52
N ALA B 32 14.51 -37.17 2.97
CA ALA B 32 14.73 -37.03 4.40
C ALA B 32 13.64 -36.22 5.06
N ARG B 33 13.21 -35.13 4.41
CA ARG B 33 12.15 -34.30 4.97
C ARG B 33 10.82 -35.03 5.04
N LYS B 34 10.47 -35.77 3.99
CA LYS B 34 9.20 -36.49 3.94
C LYS B 34 9.20 -37.76 4.77
N ALA B 35 10.38 -38.31 5.09
CA ALA B 35 10.45 -39.48 5.95
C ALA B 35 9.94 -39.18 7.35
N CYS B 36 9.94 -37.91 7.74
CA CYS B 36 9.34 -37.48 9.00
C CYS B 36 7.84 -37.24 8.78
N ALA B 37 7.14 -38.35 8.50
CA ALA B 37 5.71 -38.30 8.23
C ALA B 37 4.93 -39.21 9.18
N ASP B 38 5.53 -39.59 10.31
CA ASP B 38 4.79 -40.37 11.29
C ASP B 38 3.57 -39.62 11.82
N ALA B 39 3.56 -38.30 11.69
CA ALA B 39 2.42 -37.49 12.09
C ALA B 39 2.56 -36.10 11.47
N THR B 40 1.58 -35.26 11.76
CA THR B 40 1.70 -33.81 11.61
C THR B 40 1.25 -33.19 12.92
N LEU B 41 1.16 -31.85 12.96
CA LEU B 41 0.72 -31.11 14.18
C LEU B 41 -0.81 -31.06 14.26
N SER B 42 -1.50 -32.05 13.70
CA SER B 42 -2.95 -32.17 13.75
C SER B 42 -3.37 -33.36 14.60
N GLN B 43 -2.60 -34.44 14.57
CA GLN B 43 -2.73 -35.47 15.60
C GLN B 43 -2.27 -34.93 16.94
N ILE B 44 -1.13 -34.25 16.97
CA ILE B 44 -0.73 -33.48 18.14
C ILE B 44 -1.28 -32.08 17.92
N THR B 45 -2.59 -31.94 18.15
CA THR B 45 -3.25 -30.64 18.24
C THR B 45 -4.28 -30.69 19.36
N ASN B 46 -4.63 -31.89 19.79
CA ASN B 46 -5.66 -32.10 20.79
C ASN B 46 -5.08 -32.08 22.19
N ASN B 47 -5.97 -32.21 23.18
CA ASN B 47 -5.67 -32.24 24.61
C ASN B 47 -5.15 -30.92 25.13
N ILE B 48 -4.93 -29.93 24.26
CA ILE B 48 -4.52 -28.60 24.69
C ILE B 48 -5.76 -27.71 24.71
N ASP B 49 -5.99 -27.06 25.84
CA ASP B 49 -7.10 -26.14 25.94
C ASP B 49 -6.87 -24.96 25.00
N PRO B 50 -7.89 -24.49 24.29
CA PRO B 50 -7.70 -23.29 23.46
C PRO B 50 -7.29 -22.12 24.34
N VAL B 51 -6.33 -21.33 23.84
CA VAL B 51 -5.80 -20.20 24.59
C VAL B 51 -6.93 -19.22 24.89
N GLY B 52 -6.90 -18.63 26.08
CA GLY B 52 -7.83 -17.58 26.41
C GLY B 52 -7.68 -16.44 25.43
N ARG B 53 -8.80 -15.90 24.96
CA ARG B 53 -8.77 -14.81 23.98
C ARG B 53 -7.84 -13.70 24.46
N ILE B 54 -6.75 -13.50 23.73
CA ILE B 54 -5.71 -12.58 24.13
C ILE B 54 -6.03 -11.23 23.50
N GLN B 55 -6.53 -10.31 24.30
CA GLN B 55 -6.74 -8.93 23.89
C GLN B 55 -5.80 -8.07 24.76
N MET B 56 -4.56 -7.94 24.32
CA MET B 56 -3.60 -7.10 25.02
C MET B 56 -3.96 -5.63 24.82
N ARG B 57 -3.78 -4.85 25.87
CA ARG B 57 -4.09 -3.43 25.85
C ARG B 57 -2.81 -2.62 25.96
N THR B 58 -2.72 -1.55 25.18
CA THR B 58 -1.53 -0.71 25.17
C THR B 58 -1.30 -0.09 26.53
N ARG B 59 -0.22 -0.52 27.20
CA ARG B 59 0.08 0.03 28.51
C ARG B 59 0.89 1.33 28.41
N ARG B 60 1.82 1.38 27.46
CA ARG B 60 2.66 2.55 27.23
C ARG B 60 2.66 2.88 25.76
N THR B 61 2.67 4.17 25.44
CA THR B 61 2.77 4.65 24.06
C THR B 61 3.98 5.57 23.98
N LEU B 62 5.10 5.03 23.52
CA LEU B 62 6.35 5.79 23.46
C LEU B 62 6.32 6.68 22.22
N ARG B 63 6.10 7.97 22.44
CA ARG B 63 5.98 8.96 21.36
C ARG B 63 7.16 9.91 21.49
N GLY B 64 8.28 9.55 20.86
CA GLY B 64 9.45 10.39 20.89
C GLY B 64 10.20 10.46 19.59
N HIS B 65 9.74 9.73 18.58
CA HIS B 65 10.45 9.64 17.31
C HIS B 65 9.82 10.54 16.27
N LEU B 66 10.65 11.01 15.33
CA LEU B 66 10.17 11.89 14.28
C LEU B 66 9.77 11.11 13.03
N ALA B 67 10.62 10.21 12.59
CA ALA B 67 10.40 9.44 11.37
C ALA B 67 9.98 8.02 11.72
N LYS B 68 9.77 7.21 10.68
CA LYS B 68 9.29 5.85 10.86
C LYS B 68 10.31 4.99 11.60
N ILE B 69 9.82 3.88 12.15
CA ILE B 69 10.62 2.97 12.98
C ILE B 69 10.79 1.66 12.22
N TYR B 70 12.00 1.10 12.29
CA TYR B 70 12.29 -0.20 11.68
C TYR B 70 12.52 -1.32 12.69
N ALA B 71 13.44 -1.14 13.63
CA ALA B 71 13.82 -2.25 14.49
C ALA B 71 13.84 -1.81 15.96
N MET B 72 13.90 -2.81 16.83
CA MET B 72 14.01 -2.59 18.27
C MET B 72 14.52 -3.86 18.92
N HIS B 73 15.07 -3.72 20.12
CA HIS B 73 15.60 -4.86 20.85
C HIS B 73 15.58 -4.56 22.33
N TRP B 74 14.87 -5.38 23.10
CA TRP B 74 14.83 -5.22 24.54
C TRP B 74 16.17 -5.58 25.17
N GLY B 75 16.54 -4.84 26.20
CA GLY B 75 17.70 -5.20 26.97
C GLY B 75 17.47 -6.46 27.77
N THR B 76 18.57 -7.09 28.19
CA THR B 76 18.46 -8.31 28.99
C THR B 76 17.90 -8.04 30.38
N ASP B 77 17.83 -6.78 30.79
CA ASP B 77 17.17 -6.43 32.05
C ASP B 77 15.67 -6.29 31.90
N SER B 78 15.14 -6.51 30.69
CA SER B 78 13.71 -6.41 30.40
C SER B 78 13.16 -5.03 30.70
N ARG B 79 14.03 -4.02 30.78
CA ARG B 79 13.60 -2.65 31.04
C ARG B 79 13.86 -1.74 29.86
N LEU B 80 15.11 -1.66 29.40
CA LEU B 80 15.52 -0.66 28.43
C LEU B 80 15.37 -1.26 27.04
N LEU B 81 14.58 -0.59 26.19
CA LEU B 81 14.41 -1.00 24.81
C LEU B 81 14.96 0.08 23.89
N VAL B 82 15.74 -0.33 22.90
CA VAL B 82 16.33 0.57 21.93
C VAL B 82 15.44 0.61 20.71
N SER B 83 15.53 1.68 19.93
CA SER B 83 14.74 1.82 18.73
C SER B 83 15.43 2.77 17.76
N ALA B 84 15.41 2.42 16.47
CA ALA B 84 16.09 3.18 15.44
C ALA B 84 15.07 3.81 14.50
N SER B 85 15.32 5.06 14.11
CA SER B 85 14.44 5.79 13.21
C SER B 85 15.24 6.35 12.05
N GLN B 86 14.52 6.86 11.06
CA GLN B 86 15.15 7.50 9.90
C GLN B 86 15.37 8.99 10.10
N ASP B 87 15.02 9.52 11.27
CA ASP B 87 15.39 10.88 11.64
C ASP B 87 16.80 10.97 12.19
N GLY B 88 17.59 9.90 12.04
CA GLY B 88 18.92 9.87 12.59
C GLY B 88 18.99 9.71 14.08
N LYS B 89 17.93 9.19 14.71
CA LYS B 89 17.86 9.05 16.15
C LYS B 89 17.78 7.58 16.53
N LEU B 90 18.48 7.22 17.61
CA LEU B 90 18.46 5.87 18.18
C LEU B 90 18.24 6.06 19.67
N ILE B 91 16.98 5.98 20.09
CA ILE B 91 16.58 6.34 21.46
C ILE B 91 16.51 5.09 22.31
N ILE B 92 17.11 5.15 23.49
CA ILE B 92 17.03 4.07 24.47
C ILE B 92 15.95 4.44 25.47
N TRP B 93 14.81 3.78 25.39
CA TRP B 93 13.66 4.10 26.22
C TRP B 93 13.74 3.35 27.55
N ASP B 94 12.92 3.80 28.50
CA ASP B 94 12.65 3.06 29.72
C ASP B 94 11.19 2.63 29.67
N SER B 95 10.96 1.35 29.40
CA SER B 95 9.60 0.87 29.19
C SER B 95 8.72 1.06 30.42
N TYR B 96 9.32 0.98 31.62
CA TYR B 96 8.54 1.15 32.84
C TYR B 96 7.99 2.57 32.96
N THR B 97 8.85 3.57 32.77
CA THR B 97 8.49 4.96 33.05
C THR B 97 8.27 5.76 31.78
N THR B 98 8.21 5.09 30.62
CA THR B 98 8.00 5.70 29.29
C THR B 98 8.72 7.04 29.15
N ASN B 99 10.00 7.05 29.48
CA ASN B 99 10.84 8.22 29.31
C ASN B 99 12.02 7.88 28.39
N LYS B 100 12.93 8.84 28.24
CA LYS B 100 14.13 8.66 27.45
C LYS B 100 15.32 8.48 28.38
N VAL B 101 16.32 7.74 27.91
CA VAL B 101 17.54 7.55 28.68
C VAL B 101 18.72 8.08 27.87
N HIS B 102 18.77 7.71 26.59
CA HIS B 102 19.76 8.24 25.68
C HIS B 102 19.17 8.30 24.27
N ALA B 103 19.42 9.41 23.59
CA ALA B 103 19.10 9.55 22.17
C ALA B 103 20.39 9.83 21.43
N ILE B 104 20.69 9.04 20.42
CA ILE B 104 22.00 9.05 19.77
C ILE B 104 21.81 9.51 18.33
N PRO B 105 22.43 10.62 17.93
CA PRO B 105 22.44 10.98 16.50
C PRO B 105 23.26 9.98 15.70
N LEU B 106 22.82 9.76 14.46
CA LEU B 106 23.45 8.80 13.57
C LEU B 106 24.15 9.53 12.43
N ARG B 107 25.29 8.99 11.99
CA ARG B 107 26.00 9.60 10.86
C ARG B 107 25.23 9.43 9.56
N SER B 108 24.44 8.36 9.44
CA SER B 108 23.59 8.12 8.29
C SER B 108 22.14 8.16 8.74
N SER B 109 21.32 8.92 8.01
CA SER B 109 19.92 9.08 8.39
C SER B 109 19.17 7.76 8.33
N TRP B 110 19.45 6.92 7.34
CA TRP B 110 18.69 5.70 7.12
C TRP B 110 19.36 4.53 7.84
N VAL B 111 18.61 3.88 8.72
CA VAL B 111 19.06 2.70 9.44
C VAL B 111 17.93 1.68 9.47
N MET B 112 18.28 0.41 9.30
CA MET B 112 17.30 -0.68 9.27
C MET B 112 17.46 -1.67 10.42
N THR B 113 18.31 -1.38 11.40
CA THR B 113 18.53 -2.35 12.46
C THR B 113 19.02 -1.64 13.72
N CYS B 114 18.91 -2.35 14.83
CA CYS B 114 19.51 -1.94 16.09
C CYS B 114 19.55 -3.16 17.00
N ALA B 115 20.34 -3.06 18.07
CA ALA B 115 20.49 -4.18 18.99
C ALA B 115 20.89 -3.64 20.35
N TYR B 116 20.72 -4.49 21.36
CA TYR B 116 21.14 -4.18 22.72
C TYR B 116 22.05 -5.30 23.21
N ALA B 117 23.20 -4.92 23.77
CA ALA B 117 24.15 -5.92 24.21
C ALA B 117 23.57 -6.75 25.34
N PRO B 118 23.94 -8.02 25.44
CA PRO B 118 23.42 -8.85 26.53
C PRO B 118 23.80 -8.34 27.90
N SER B 119 24.97 -7.76 28.06
CA SER B 119 25.38 -7.19 29.33
C SER B 119 24.87 -5.77 29.53
N GLY B 120 24.19 -5.20 28.53
CA GLY B 120 23.68 -3.85 28.64
C GLY B 120 24.73 -2.77 28.55
N ASN B 121 25.86 -3.06 27.92
CA ASN B 121 26.97 -2.11 27.84
C ASN B 121 27.06 -1.39 26.50
N TYR B 122 26.65 -2.01 25.41
CA TYR B 122 26.79 -1.44 24.08
C TYR B 122 25.45 -1.49 23.35
N VAL B 123 25.33 -0.63 22.34
CA VAL B 123 24.18 -0.63 21.43
C VAL B 123 24.70 -0.44 20.03
N ALA B 124 24.22 -1.26 19.09
CA ALA B 124 24.64 -1.17 17.70
C ALA B 124 23.48 -0.68 16.84
N CYS B 125 23.81 -0.37 15.59
CA CYS B 125 22.82 0.05 14.60
C CYS B 125 23.33 -0.39 13.23
N GLY B 126 22.76 0.17 12.18
CA GLY B 126 23.21 -0.12 10.84
C GLY B 126 22.10 0.13 9.84
N GLY B 127 22.49 0.40 8.60
CA GLY B 127 21.52 0.66 7.55
C GLY B 127 22.12 0.71 6.16
N LEU B 128 21.63 1.62 5.33
CA LEU B 128 22.12 1.75 3.97
C LEU B 128 23.59 2.16 3.89
N ASP B 129 24.13 2.75 4.95
CA ASP B 129 25.51 3.25 4.91
C ASP B 129 26.54 2.13 4.97
N ASN B 130 26.11 0.87 4.94
CA ASN B 130 27.00 -0.29 4.99
C ASN B 130 27.81 -0.34 6.27
N ILE B 131 27.39 0.41 7.29
CA ILE B 131 28.17 0.63 8.49
C ILE B 131 27.37 0.13 9.67
N CYS B 132 27.98 -0.76 10.47
CA CYS B 132 27.38 -1.26 11.71
C CYS B 132 28.09 -0.55 12.86
N SER B 133 27.65 0.68 13.15
CA SER B 133 28.28 1.47 14.19
C SER B 133 27.96 0.89 15.56
N ILE B 134 28.98 0.76 16.41
CA ILE B 134 28.81 0.29 17.77
C ILE B 134 29.03 1.46 18.72
N TYR B 135 28.16 1.56 19.72
CA TYR B 135 28.15 2.68 20.66
C TYR B 135 28.47 2.16 22.05
N ASN B 136 29.22 2.95 22.82
CA ASN B 136 29.63 2.58 24.17
C ASN B 136 28.76 3.37 25.14
N LEU B 137 27.79 2.68 25.77
CA LEU B 137 26.86 3.36 26.66
C LEU B 137 27.55 3.82 27.94
N LYS B 138 28.33 2.93 28.57
CA LYS B 138 29.05 3.27 29.79
C LYS B 138 30.26 4.12 29.42
N THR B 139 29.99 5.39 29.09
CA THR B 139 31.02 6.30 28.62
C THR B 139 31.96 6.68 29.77
N ARG B 140 32.91 7.55 29.46
CA ARG B 140 33.80 8.06 30.50
C ARG B 140 33.07 9.04 31.42
N GLU B 141 32.62 10.16 30.86
CA GLU B 141 31.87 11.13 31.65
C GLU B 141 30.72 11.80 30.90
N GLY B 142 30.43 11.40 29.66
CA GLY B 142 29.48 12.18 28.87
C GLY B 142 28.61 11.38 27.91
N ASN B 143 28.28 12.03 26.79
CA ASN B 143 27.34 11.45 25.83
C ASN B 143 27.93 10.21 25.15
N VAL B 144 27.04 9.37 24.64
CA VAL B 144 27.43 8.07 24.12
C VAL B 144 28.15 8.25 22.79
N ARG B 145 29.35 7.69 22.69
CA ARG B 145 30.21 7.86 21.53
C ARG B 145 30.18 6.63 20.64
N VAL B 146 30.47 6.84 19.36
CA VAL B 146 30.59 5.74 18.42
C VAL B 146 31.92 5.04 18.70
N SER B 147 31.86 3.79 19.15
CA SER B 147 33.06 3.11 19.61
C SER B 147 33.96 2.68 18.45
N ARG B 148 33.46 1.81 17.58
CA ARG B 148 34.28 1.26 16.50
C ARG B 148 33.35 0.88 15.36
N GLU B 149 33.25 1.76 14.36
CA GLU B 149 32.41 1.48 13.20
C GLU B 149 32.97 0.31 12.42
N LEU B 150 32.20 -0.78 12.34
CA LEU B 150 32.67 -1.97 11.65
C LEU B 150 32.83 -1.70 10.15
N ALA B 151 33.77 -2.43 9.54
CA ALA B 151 34.16 -2.13 8.16
C ALA B 151 32.98 -2.23 7.20
N GLY B 152 32.16 -3.24 7.36
CA GLY B 152 30.95 -3.38 6.57
C GLY B 152 31.14 -4.27 5.34
N HIS B 153 30.01 -4.76 4.84
CA HIS B 153 29.98 -5.66 3.71
C HIS B 153 29.82 -4.86 2.42
N THR B 154 29.50 -5.56 1.33
CA THR B 154 29.25 -4.92 0.04
C THR B 154 27.78 -4.58 -0.17
N GLY B 155 26.93 -4.86 0.81
CA GLY B 155 25.52 -4.54 0.69
C GLY B 155 24.99 -3.95 1.98
N TYR B 156 23.82 -3.34 1.89
CA TYR B 156 23.23 -2.66 3.03
C TYR B 156 22.91 -3.65 4.14
N LEU B 157 23.15 -3.24 5.38
CA LEU B 157 22.92 -4.10 6.53
C LEU B 157 21.43 -4.12 6.88
N SER B 158 20.92 -5.31 7.19
CA SER B 158 19.51 -5.50 7.47
C SER B 158 19.21 -5.81 8.93
N CYS B 159 20.06 -6.59 9.59
CA CYS B 159 19.84 -6.91 11.00
C CYS B 159 21.17 -7.30 11.62
N CYS B 160 21.32 -7.01 12.91
CA CYS B 160 22.54 -7.35 13.63
C CYS B 160 22.20 -7.59 15.09
N ARG B 161 22.72 -8.69 15.64
CA ARG B 161 22.50 -9.05 17.04
C ARG B 161 23.82 -9.43 17.67
N PHE B 162 23.88 -9.29 18.99
CA PHE B 162 25.12 -9.46 19.74
C PHE B 162 25.27 -10.90 20.20
N LEU B 163 26.42 -11.50 19.88
CA LEU B 163 26.82 -12.73 20.56
C LEU B 163 27.20 -12.42 22.00
N ASP B 164 28.02 -11.40 22.20
CA ASP B 164 28.32 -10.84 23.51
C ASP B 164 28.83 -9.43 23.30
N ASP B 165 29.44 -8.84 24.34
CA ASP B 165 29.98 -7.49 24.20
C ASP B 165 31.14 -7.43 23.22
N ASN B 166 31.86 -8.53 23.06
CA ASN B 166 33.08 -8.56 22.25
C ASN B 166 32.87 -9.13 20.86
N GLN B 167 31.76 -9.81 20.61
CA GLN B 167 31.52 -10.44 19.32
C GLN B 167 30.11 -10.10 18.85
N ILE B 168 29.97 -9.76 17.58
CA ILE B 168 28.68 -9.39 17.01
C ILE B 168 28.54 -10.05 15.64
N VAL B 169 27.31 -10.41 15.28
CA VAL B 169 27.00 -11.01 13.99
C VAL B 169 26.03 -10.10 13.26
N THR B 170 26.32 -9.82 11.99
CA THR B 170 25.56 -8.86 11.19
C THR B 170 25.04 -9.53 9.93
N SER B 171 23.89 -9.06 9.47
CA SER B 171 23.30 -9.49 8.21
C SER B 171 23.31 -8.33 7.22
N SER B 172 23.28 -8.67 5.94
CA SER B 172 23.36 -7.64 4.90
C SER B 172 22.55 -8.05 3.69
N GLY B 173 22.33 -7.09 2.81
CA GLY B 173 21.75 -7.34 1.51
C GLY B 173 22.73 -7.87 0.49
N ASP B 174 23.99 -8.03 0.87
CA ASP B 174 25.02 -8.59 0.02
C ASP B 174 25.01 -10.11 0.00
N THR B 175 23.90 -10.73 0.43
CA THR B 175 23.65 -12.16 0.32
C THR B 175 24.50 -12.94 1.32
N THR B 176 25.41 -12.25 1.99
CA THR B 176 26.32 -12.89 2.94
C THR B 176 26.16 -12.24 4.32
N CYS B 177 25.92 -13.06 5.33
CA CYS B 177 26.05 -12.62 6.72
C CYS B 177 27.48 -12.87 7.19
N ALA B 178 27.84 -12.25 8.31
CA ALA B 178 29.19 -12.39 8.82
C ALA B 178 29.21 -12.22 10.32
N LEU B 179 30.22 -12.81 10.95
CA LEU B 179 30.44 -12.71 12.39
C LEU B 179 31.66 -11.83 12.60
N TRP B 180 31.48 -10.73 13.33
CA TRP B 180 32.51 -9.72 13.45
C TRP B 180 33.33 -9.94 14.72
N ASP B 181 34.18 -8.97 15.02
CA ASP B 181 34.96 -8.95 16.26
C ASP B 181 35.22 -7.50 16.61
N ILE B 182 34.46 -6.96 17.55
CA ILE B 182 34.49 -5.53 17.84
C ILE B 182 35.86 -5.10 18.33
N GLU B 183 36.59 -6.00 19.00
CA GLU B 183 37.91 -5.64 19.53
C GLU B 183 38.86 -5.25 18.42
N THR B 184 38.88 -6.01 17.32
CA THR B 184 39.73 -5.69 16.18
C THR B 184 38.98 -5.03 15.03
N GLY B 185 37.66 -5.15 14.99
CA GLY B 185 36.86 -4.53 13.96
C GLY B 185 36.80 -5.29 12.65
N GLN B 186 37.48 -6.43 12.53
CA GLN B 186 37.57 -7.17 11.29
C GLN B 186 36.81 -8.48 11.41
N GLN B 187 36.14 -8.87 10.32
CA GLN B 187 35.39 -10.10 10.29
C GLN B 187 36.30 -11.29 10.60
N THR B 188 35.88 -12.11 11.56
CA THR B 188 36.60 -13.35 11.80
C THR B 188 36.15 -14.46 10.87
N THR B 189 34.88 -14.45 10.46
CA THR B 189 34.37 -15.40 9.49
C THR B 189 33.16 -14.78 8.81
N THR B 190 32.92 -15.21 7.58
CA THR B 190 31.79 -14.72 6.79
C THR B 190 30.99 -15.90 6.28
N PHE B 191 29.67 -15.79 6.38
CA PHE B 191 28.75 -16.86 6.02
C PHE B 191 28.15 -16.52 4.66
N THR B 192 28.49 -17.31 3.65
CA THR B 192 28.00 -17.14 2.30
C THR B 192 27.32 -18.42 1.83
N GLY B 193 26.43 -18.27 0.85
CA GLY B 193 25.73 -19.41 0.30
C GLY B 193 24.30 -19.11 -0.08
N HIS B 194 23.82 -17.92 0.26
CA HIS B 194 22.47 -17.53 -0.11
C HIS B 194 22.41 -17.14 -1.58
N THR B 195 21.25 -16.67 -2.02
CA THR B 195 21.05 -16.22 -3.38
C THR B 195 20.73 -14.74 -3.46
N GLY B 196 19.73 -14.28 -2.73
CA GLY B 196 19.33 -12.89 -2.70
C GLY B 196 19.78 -12.18 -1.44
N ASP B 197 19.16 -11.04 -1.18
CA ASP B 197 19.52 -10.23 -0.02
C ASP B 197 19.00 -10.89 1.25
N VAL B 198 19.86 -10.97 2.26
CA VAL B 198 19.46 -11.48 3.57
C VAL B 198 18.68 -10.39 4.30
N MET B 199 17.49 -10.74 4.79
CA MET B 199 16.59 -9.76 5.39
C MET B 199 16.68 -9.70 6.91
N SER B 200 16.90 -10.83 7.58
CA SER B 200 16.98 -10.82 9.03
C SER B 200 17.71 -12.07 9.50
N LEU B 201 18.18 -12.03 10.74
CA LEU B 201 18.76 -13.18 11.42
C LEU B 201 18.20 -13.24 12.83
N SER B 202 18.53 -14.34 13.51
CA SER B 202 18.11 -14.51 14.89
C SER B 202 19.08 -15.48 15.57
N LEU B 203 19.54 -15.10 16.75
CA LEU B 203 20.46 -15.95 17.49
C LEU B 203 19.69 -17.07 18.19
N ALA B 204 20.36 -17.78 19.08
CA ALA B 204 19.79 -18.93 19.75
C ALA B 204 20.08 -18.84 21.25
N PRO B 205 19.26 -19.49 22.08
CA PRO B 205 19.52 -19.48 23.52
C PRO B 205 20.88 -20.02 23.91
N ASP B 206 21.40 -21.01 23.19
CA ASP B 206 22.77 -21.47 23.45
C ASP B 206 23.82 -20.54 22.86
N THR B 207 23.41 -19.55 22.08
CA THR B 207 24.31 -18.54 21.50
C THR B 207 25.46 -19.22 20.75
N ARG B 208 25.13 -20.28 20.01
CA ARG B 208 26.11 -21.01 19.22
C ARG B 208 25.70 -21.21 17.78
N LEU B 209 24.41 -21.08 17.46
CA LEU B 209 23.92 -21.20 16.09
C LEU B 209 22.96 -20.05 15.82
N PHE B 210 22.90 -19.60 14.57
CA PHE B 210 21.96 -18.57 14.18
C PHE B 210 21.53 -18.80 12.73
N VAL B 211 20.27 -18.54 12.46
CA VAL B 211 19.72 -18.67 11.11
C VAL B 211 19.51 -17.29 10.52
N SER B 212 19.22 -17.27 9.22
CA SER B 212 19.04 -16.01 8.50
C SER B 212 18.16 -16.25 7.29
N GLY B 213 16.98 -15.64 7.29
CA GLY B 213 16.09 -15.72 6.15
C GLY B 213 16.39 -14.61 5.16
N ALA B 214 16.48 -14.97 3.90
CA ALA B 214 16.92 -14.05 2.85
C ALA B 214 15.80 -13.86 1.83
N CYS B 215 16.11 -13.05 0.80
CA CYS B 215 15.19 -12.87 -0.31
C CYS B 215 15.01 -14.15 -1.11
N ASP B 216 15.92 -15.11 -0.97
CA ASP B 216 15.81 -16.39 -1.66
C ASP B 216 14.74 -17.29 -1.07
N ALA B 217 13.95 -16.80 -0.12
CA ALA B 217 12.84 -17.56 0.47
C ALA B 217 13.33 -18.89 1.06
N SER B 218 14.50 -18.86 1.70
CA SER B 218 15.08 -20.06 2.27
C SER B 218 15.81 -19.68 3.55
N ALA B 219 15.26 -20.09 4.69
CA ALA B 219 15.94 -19.90 5.96
C ALA B 219 17.08 -20.89 6.10
N LYS B 220 18.27 -20.40 6.40
CA LYS B 220 19.47 -21.23 6.43
C LYS B 220 20.07 -21.19 7.84
N LEU B 221 20.15 -22.36 8.47
CA LEU B 221 20.85 -22.46 9.74
C LEU B 221 22.35 -22.30 9.54
N TRP B 222 22.99 -21.52 10.41
CA TRP B 222 24.42 -21.29 10.35
C TRP B 222 25.07 -21.66 11.66
N ASP B 223 26.28 -22.20 11.58
CA ASP B 223 27.09 -22.50 12.76
C ASP B 223 28.22 -21.50 12.82
N VAL B 224 28.34 -20.81 13.97
CA VAL B 224 29.32 -19.73 14.10
C VAL B 224 30.74 -20.22 14.32
N ARG B 225 30.97 -21.54 14.35
CA ARG B 225 32.31 -22.06 14.57
C ARG B 225 33.17 -21.94 13.32
N GLU B 226 32.75 -22.59 12.24
CA GLU B 226 33.44 -22.49 10.97
C GLU B 226 32.59 -21.98 9.83
N GLY B 227 31.28 -21.81 10.04
CA GLY B 227 30.43 -21.21 9.05
C GLY B 227 29.73 -22.15 8.10
N MET B 228 29.54 -23.41 8.50
CA MET B 228 28.88 -24.39 7.64
C MET B 228 27.37 -24.25 7.80
N CYS B 229 26.68 -23.97 6.70
CA CYS B 229 25.23 -23.90 6.75
C CYS B 229 24.68 -25.31 6.90
N ARG B 230 24.43 -25.71 8.15
CA ARG B 230 24.16 -27.12 8.43
C ARG B 230 22.88 -27.58 7.75
N GLN B 231 21.81 -26.79 7.83
CA GLN B 231 20.54 -27.17 7.23
C GLN B 231 19.87 -25.94 6.65
N THR B 232 19.31 -26.09 5.45
CA THR B 232 18.54 -25.02 4.81
C THR B 232 17.06 -25.34 4.97
N PHE B 233 16.32 -24.41 5.59
CA PHE B 233 14.91 -24.61 5.87
C PHE B 233 14.06 -23.87 4.84
N THR B 234 13.99 -24.45 3.65
CA THR B 234 13.16 -23.88 2.59
C THR B 234 11.70 -24.27 2.80
N GLY B 235 10.84 -23.72 1.94
CA GLY B 235 9.42 -24.04 2.01
C GLY B 235 8.51 -22.87 1.73
N HIS B 236 9.08 -21.67 1.60
CA HIS B 236 8.30 -20.46 1.36
C HIS B 236 8.31 -20.09 -0.12
N GLU B 237 7.27 -19.36 -0.53
CA GLU B 237 7.16 -18.87 -1.89
C GLU B 237 7.58 -17.42 -2.05
N SER B 238 7.57 -16.64 -0.97
CA SER B 238 8.00 -15.25 -0.99
C SER B 238 9.19 -15.07 -0.05
N ASP B 239 9.84 -13.92 -0.19
CA ASP B 239 11.04 -13.66 0.60
C ASP B 239 10.72 -13.64 2.09
N ILE B 240 11.63 -14.19 2.90
CA ILE B 240 11.44 -14.26 4.34
C ILE B 240 11.87 -12.92 4.95
N ASN B 241 10.94 -12.28 5.65
CA ASN B 241 11.19 -10.93 6.17
C ASN B 241 11.81 -10.95 7.57
N ALA B 242 11.39 -11.85 8.44
CA ALA B 242 11.91 -11.88 9.80
C ALA B 242 11.84 -13.28 10.36
N ILE B 243 12.78 -13.59 11.25
CA ILE B 243 12.87 -14.89 11.91
C ILE B 243 13.25 -14.67 13.37
N CYS B 244 12.69 -15.48 14.25
CA CYS B 244 13.13 -15.53 15.63
C CYS B 244 13.12 -16.96 16.13
N PHE B 245 14.15 -17.33 16.89
CA PHE B 245 14.28 -18.68 17.41
C PHE B 245 13.18 -19.00 18.41
N PHE B 246 12.86 -20.28 18.52
CA PHE B 246 12.00 -20.74 19.58
C PHE B 246 12.74 -20.64 20.91
N PRO B 247 12.03 -20.42 22.02
CA PRO B 247 12.70 -20.28 23.32
C PRO B 247 13.50 -21.51 23.73
N ASN B 248 13.19 -22.68 23.17
CA ASN B 248 13.94 -23.89 23.49
C ASN B 248 15.21 -24.01 22.64
N GLY B 249 15.47 -23.07 21.75
CA GLY B 249 16.62 -23.20 20.86
C GLY B 249 16.53 -24.39 19.94
N ASN B 250 15.31 -24.82 19.61
CA ASN B 250 15.09 -26.03 18.84
C ASN B 250 14.17 -25.82 17.66
N ALA B 251 13.68 -24.60 17.43
CA ALA B 251 12.76 -24.32 16.34
C ALA B 251 12.80 -22.82 16.08
N PHE B 252 12.07 -22.39 15.05
CA PHE B 252 11.96 -20.98 14.72
C PHE B 252 10.86 -20.80 13.68
N ALA B 253 10.19 -19.66 13.75
CA ALA B 253 9.12 -19.33 12.83
C ALA B 253 9.60 -18.23 11.88
N THR B 254 9.38 -18.42 10.59
CA THR B 254 9.82 -17.48 9.57
C THR B 254 8.59 -16.83 8.94
N GLY B 255 8.51 -15.51 9.04
CA GLY B 255 7.49 -14.76 8.34
C GLY B 255 7.89 -14.55 6.88
N SER B 256 6.89 -14.36 6.04
CA SER B 256 7.13 -14.20 4.61
C SER B 256 6.16 -13.17 4.04
N ASP B 257 6.53 -12.62 2.89
CA ASP B 257 5.65 -11.71 2.17
C ASP B 257 4.40 -12.41 1.65
N ASP B 258 4.37 -13.74 1.65
CA ASP B 258 3.20 -14.51 1.23
C ASP B 258 2.23 -14.75 2.37
N ALA B 259 2.25 -13.91 3.41
CA ALA B 259 1.35 -13.99 4.56
C ALA B 259 1.51 -15.26 5.38
N THR B 260 2.62 -15.97 5.21
CA THR B 260 2.86 -17.22 5.91
C THR B 260 3.82 -17.01 7.08
N CYS B 261 3.69 -17.86 8.09
CA CYS B 261 4.55 -17.83 9.27
C CYS B 261 5.02 -19.23 9.61
N ARG B 262 5.47 -19.96 8.58
CA ARG B 262 5.80 -21.37 8.74
C ARG B 262 6.86 -21.56 9.82
N LEU B 263 6.66 -22.57 10.65
CA LEU B 263 7.59 -22.92 11.72
C LEU B 263 8.39 -24.15 11.32
N PHE B 264 9.70 -24.07 11.54
CA PHE B 264 10.62 -25.16 11.22
C PHE B 264 11.20 -25.74 12.49
N ASP B 265 11.69 -26.97 12.38
CA ASP B 265 12.31 -27.66 13.51
C ASP B 265 13.71 -28.11 13.11
N LEU B 266 14.71 -27.78 13.94
CA LEU B 266 16.08 -28.11 13.60
C LEU B 266 16.30 -29.62 13.54
N ARG B 267 15.71 -30.37 14.48
CA ARG B 267 15.91 -31.81 14.50
C ARG B 267 15.18 -32.49 13.35
N ALA B 268 13.91 -32.14 13.13
CA ALA B 268 13.14 -32.77 12.06
C ALA B 268 13.57 -32.26 10.69
N ASP B 269 13.94 -30.98 10.61
CA ASP B 269 14.42 -30.35 9.38
C ASP B 269 13.32 -30.33 8.30
N GLN B 270 12.19 -29.75 8.66
CA GLN B 270 11.12 -29.46 7.71
C GLN B 270 10.10 -28.55 8.38
N GLU B 271 9.09 -28.16 7.62
CA GLU B 271 8.01 -27.32 8.12
C GLU B 271 7.15 -28.09 9.12
N LEU B 272 6.72 -27.42 10.18
CA LEU B 272 5.77 -27.99 11.12
C LEU B 272 4.37 -27.44 10.90
N MET B 273 4.25 -26.14 10.64
CA MET B 273 2.99 -25.51 10.33
C MET B 273 3.16 -24.56 9.15
N THR B 274 2.03 -24.17 8.56
CA THR B 274 1.92 -22.95 7.77
C THR B 274 0.77 -22.14 8.34
N TYR B 275 1.06 -20.92 8.75
CA TYR B 275 0.08 -20.07 9.42
C TYR B 275 -0.57 -19.14 8.40
N SER B 276 -1.90 -19.19 8.34
CA SER B 276 -2.68 -18.32 7.48
C SER B 276 -4.11 -18.30 8.01
N HIS B 277 -4.93 -17.43 7.41
CA HIS B 277 -6.33 -17.34 7.80
C HIS B 277 -7.27 -17.23 6.60
N ASP B 278 -6.76 -17.38 5.38
CA ASP B 278 -7.50 -17.32 4.12
C ASP B 278 -8.08 -15.93 3.87
N ASN B 279 -7.89 -14.98 4.78
CA ASN B 279 -8.33 -13.61 4.62
C ASN B 279 -7.15 -12.66 4.48
N ILE B 280 -6.08 -12.89 5.24
CA ILE B 280 -4.91 -12.02 5.19
C ILE B 280 -4.25 -12.14 3.83
N ILE B 281 -3.96 -10.99 3.21
CA ILE B 281 -3.21 -10.96 1.97
C ILE B 281 -1.87 -10.25 2.11
N CYS B 282 -1.70 -9.40 3.13
CA CYS B 282 -0.44 -8.71 3.33
C CYS B 282 0.61 -9.68 3.89
N GLY B 283 1.87 -9.32 3.67
CA GLY B 283 2.98 -10.13 4.13
C GLY B 283 3.29 -9.90 5.60
N ILE B 284 4.38 -10.52 6.04
CA ILE B 284 4.85 -10.43 7.41
C ILE B 284 5.99 -9.44 7.48
N THR B 285 6.04 -8.67 8.57
CA THR B 285 7.12 -7.73 8.81
C THR B 285 8.05 -8.14 9.95
N SER B 286 7.52 -8.73 11.02
CA SER B 286 8.35 -9.15 12.13
C SER B 286 7.66 -10.30 12.85
N VAL B 287 8.46 -11.10 13.55
CA VAL B 287 8.00 -12.29 14.25
C VAL B 287 8.71 -12.35 15.60
N SER B 288 8.01 -12.87 16.60
CA SER B 288 8.61 -13.09 17.92
C SER B 288 7.83 -14.17 18.65
N PHE B 289 8.40 -14.65 19.75
CA PHE B 289 7.80 -15.68 20.56
C PHE B 289 7.68 -15.22 22.01
N SER B 290 6.72 -15.81 22.72
CA SER B 290 6.57 -15.57 24.14
C SER B 290 7.62 -16.40 24.89
N LYS B 291 7.54 -16.41 26.23
CA LYS B 291 8.53 -17.16 27.00
C LYS B 291 8.47 -18.65 26.71
N SER B 292 7.26 -19.20 26.63
CA SER B 292 7.09 -20.60 26.28
C SER B 292 6.92 -20.83 24.79
N GLY B 293 6.89 -19.78 23.99
CA GLY B 293 6.68 -19.92 22.56
C GLY B 293 5.26 -20.21 22.16
N ARG B 294 4.34 -20.35 23.11
CA ARG B 294 2.95 -20.64 22.78
C ARG B 294 2.30 -19.50 22.00
N LEU B 295 2.64 -18.25 22.35
CA LEU B 295 2.06 -17.10 21.69
C LEU B 295 3.03 -16.60 20.62
N LEU B 296 3.06 -17.31 19.50
CA LEU B 296 3.86 -16.88 18.35
C LEU B 296 3.29 -15.58 17.81
N LEU B 297 4.02 -14.49 17.97
CA LEU B 297 3.56 -13.18 17.54
C LEU B 297 3.94 -12.96 16.09
N ALA B 298 3.25 -12.02 15.45
CA ALA B 298 3.53 -11.70 14.05
C ALA B 298 2.94 -10.35 13.70
N GLY B 299 3.78 -9.45 13.21
CA GLY B 299 3.28 -8.22 12.62
C GLY B 299 2.80 -8.43 11.20
N TYR B 300 2.19 -7.40 10.64
CA TYR B 300 1.65 -7.49 9.29
C TYR B 300 1.77 -6.14 8.60
N ASP B 301 1.67 -6.17 7.27
CA ASP B 301 1.71 -4.96 6.46
C ASP B 301 0.41 -4.18 6.50
N ASP B 302 -0.65 -4.73 7.09
CA ASP B 302 -1.95 -4.07 7.09
C ASP B 302 -2.21 -3.40 8.43
N PHE B 303 -1.16 -2.88 9.05
CA PHE B 303 -1.22 -2.08 10.27
C PHE B 303 -1.71 -2.85 11.49
N ASN B 304 -1.74 -4.17 11.43
CA ASN B 304 -2.21 -4.98 12.55
C ASN B 304 -1.19 -6.06 12.88
N CYS B 305 -1.27 -6.57 14.11
CA CYS B 305 -0.45 -7.68 14.56
C CYS B 305 -1.36 -8.78 15.06
N ASN B 306 -1.16 -10.00 14.56
CA ASN B 306 -1.96 -11.16 14.93
C ASN B 306 -1.13 -12.10 15.80
N VAL B 307 -1.72 -12.56 16.89
CA VAL B 307 -1.02 -13.38 17.86
C VAL B 307 -1.42 -14.82 17.58
N TRP B 308 -0.52 -15.59 16.98
CA TRP B 308 -0.83 -16.96 16.59
C TRP B 308 -0.39 -17.94 17.67
N ASP B 309 -1.27 -18.88 18.01
CA ASP B 309 -0.85 -20.00 18.84
C ASP B 309 0.16 -20.84 18.09
N ALA B 310 1.13 -21.38 18.83
CA ALA B 310 2.14 -22.23 18.22
C ALA B 310 1.63 -23.64 17.94
N LEU B 311 0.45 -24.01 18.44
CA LEU B 311 -0.09 -25.35 18.23
C LEU B 311 -1.45 -25.35 17.55
N LYS B 312 -2.25 -24.30 17.70
CA LYS B 312 -3.59 -24.29 17.13
C LYS B 312 -3.66 -23.62 15.76
N ALA B 313 -2.69 -22.78 15.44
CA ALA B 313 -2.67 -21.97 14.22
C ALA B 313 -3.86 -21.03 14.09
N ASP B 314 -4.60 -20.82 15.18
CA ASP B 314 -5.72 -19.88 15.22
C ASP B 314 -5.33 -18.70 16.10
N ARG B 315 -5.57 -17.48 15.61
CA ARG B 315 -5.09 -16.30 16.29
C ARG B 315 -5.71 -16.17 17.68
N ALA B 316 -4.87 -15.86 18.67
CA ALA B 316 -5.36 -15.61 20.02
C ALA B 316 -5.94 -14.20 20.15
N GLY B 317 -5.61 -13.31 19.23
CA GLY B 317 -6.12 -11.96 19.26
C GLY B 317 -5.44 -11.15 18.17
N VAL B 318 -5.99 -9.97 17.94
CA VAL B 318 -5.48 -9.06 16.91
C VAL B 318 -5.13 -7.74 17.57
N LEU B 319 -4.00 -7.17 17.18
CA LEU B 319 -3.56 -5.88 17.70
C LEU B 319 -4.08 -4.76 16.80
N ALA B 320 -3.94 -3.54 17.30
CA ALA B 320 -4.49 -2.36 16.63
C ALA B 320 -3.58 -1.18 16.91
N GLY B 321 -4.08 0.03 16.71
CA GLY B 321 -3.29 1.21 16.99
C GLY B 321 -2.58 1.75 15.77
N HIS B 322 -1.31 1.35 15.60
CA HIS B 322 -0.45 1.84 14.54
C HIS B 322 -1.17 1.85 13.19
N ASP B 323 -1.25 3.02 12.57
CA ASP B 323 -1.85 3.16 11.25
C ASP B 323 -0.81 3.10 10.14
N ASN B 324 0.03 2.07 10.17
CA ASN B 324 1.08 1.85 9.17
C ASN B 324 1.68 0.48 9.44
N ARG B 325 2.61 0.07 8.58
CA ARG B 325 3.27 -1.23 8.75
C ARG B 325 3.95 -1.30 10.10
N VAL B 326 3.71 -2.39 10.82
CA VAL B 326 4.37 -2.62 12.11
C VAL B 326 5.68 -3.35 11.81
N SER B 327 6.77 -2.59 11.73
CA SER B 327 8.03 -3.10 11.21
C SER B 327 8.90 -3.80 12.24
N CYS B 328 8.51 -3.81 13.51
CA CYS B 328 9.33 -4.45 14.53
C CYS B 328 8.44 -5.11 15.58
N LEU B 329 9.02 -6.08 16.28
CA LEU B 329 8.30 -6.88 17.26
C LEU B 329 9.31 -7.48 18.22
N GLY B 330 9.01 -7.44 19.51
CA GLY B 330 9.94 -7.98 20.49
C GLY B 330 9.21 -8.43 21.75
N VAL B 331 9.87 -9.34 22.47
CA VAL B 331 9.40 -9.83 23.75
C VAL B 331 10.57 -9.77 24.73
N THR B 332 10.29 -9.31 25.95
CA THR B 332 11.34 -9.23 26.96
C THR B 332 11.92 -10.62 27.23
N ASP B 333 13.18 -10.63 27.67
CA ASP B 333 13.80 -11.89 28.07
C ASP B 333 13.01 -12.55 29.19
N ASP B 334 12.35 -11.76 30.04
CA ASP B 334 11.46 -12.29 31.06
C ASP B 334 10.06 -12.56 30.54
N GLY B 335 9.76 -12.16 29.30
CA GLY B 335 8.45 -12.38 28.74
C GLY B 335 7.35 -11.53 29.34
N MET B 336 7.71 -10.48 30.09
CA MET B 336 6.71 -9.69 30.82
C MET B 336 5.73 -9.02 29.89
N ALA B 337 6.19 -8.51 28.75
CA ALA B 337 5.29 -7.85 27.81
C ALA B 337 5.96 -7.81 26.44
N VAL B 338 5.19 -7.39 25.44
CA VAL B 338 5.68 -7.27 24.08
C VAL B 338 5.65 -5.81 23.70
N ALA B 339 6.46 -5.45 22.70
CA ALA B 339 6.55 -4.08 22.22
C ALA B 339 6.42 -4.07 20.71
N THR B 340 5.56 -3.18 20.21
CA THR B 340 5.30 -3.07 18.78
C THR B 340 5.72 -1.67 18.31
N GLY B 341 6.45 -1.64 17.19
CA GLY B 341 6.78 -0.39 16.55
C GLY B 341 6.39 -0.44 15.09
N SER B 342 6.11 0.74 14.55
CA SER B 342 5.58 0.83 13.19
C SER B 342 6.16 2.05 12.50
N TRP B 343 5.61 2.38 11.35
CA TRP B 343 6.05 3.51 10.55
C TRP B 343 5.41 4.82 10.98
N ASP B 344 4.58 4.81 12.03
CA ASP B 344 3.93 6.01 12.54
C ASP B 344 4.75 6.70 13.61
N SER B 345 6.01 6.31 13.78
CA SER B 345 6.94 6.91 14.74
C SER B 345 6.47 6.79 16.18
N PHE B 346 5.60 5.82 16.46
CA PHE B 346 5.08 5.58 17.80
C PHE B 346 5.33 4.14 18.20
N LEU B 347 5.89 3.95 19.39
CA LEU B 347 6.13 2.62 19.93
C LEU B 347 5.02 2.29 20.91
N LYS B 348 4.26 1.23 20.63
CA LYS B 348 3.19 0.78 21.50
C LYS B 348 3.67 -0.43 22.29
N ILE B 349 3.48 -0.39 23.61
CA ILE B 349 3.82 -1.51 24.48
C ILE B 349 2.55 -2.26 24.81
N TRP B 350 2.45 -3.50 24.35
CA TRP B 350 1.29 -4.34 24.60
C TRP B 350 1.61 -5.35 25.70
N ASN B 351 0.99 -5.15 26.87
CA ASN B 351 1.23 -5.99 28.02
C ASN B 351 0.88 -7.42 27.64
N THR C 5 -4.62 -44.47 -17.92
CA THR C 5 -3.88 -44.84 -19.11
C THR C 5 -4.46 -44.17 -20.34
N ARG C 6 -4.98 -45.01 -21.25
CA ARG C 6 -5.63 -44.58 -22.49
C ARG C 6 -4.88 -43.43 -23.17
N VAL C 7 -3.63 -43.73 -23.57
CA VAL C 7 -2.87 -42.78 -24.36
C VAL C 7 -3.64 -42.43 -25.61
N PHE C 8 -3.59 -41.16 -26.01
CA PHE C 8 -4.32 -40.65 -27.18
C PHE C 8 -3.39 -40.67 -28.38
N LYS C 9 -3.60 -41.65 -29.27
CA LYS C 9 -2.84 -41.72 -30.51
C LYS C 9 -3.62 -41.08 -31.65
N LYS C 10 -2.89 -40.61 -32.65
CA LYS C 10 -3.50 -39.89 -33.77
C LYS C 10 -3.38 -40.61 -35.10
N ALA C 11 -2.35 -41.44 -35.29
CA ALA C 11 -2.20 -42.28 -36.47
C ALA C 11 -2.12 -41.42 -37.75
N SER C 12 -1.02 -40.68 -37.84
CA SER C 12 -0.79 -39.79 -38.98
C SER C 12 -0.90 -40.57 -40.29
N PRO C 13 -1.38 -39.93 -41.36
CA PRO C 13 -1.75 -40.67 -42.58
C PRO C 13 -0.58 -41.37 -43.25
N ASN C 14 -0.90 -42.05 -44.34
CA ASN C 14 -0.04 -42.96 -45.09
C ASN C 14 0.46 -44.11 -44.23
N GLY C 15 -0.16 -44.36 -43.07
CA GLY C 15 0.27 -45.45 -42.22
C GLY C 15 1.61 -45.25 -41.55
N LYS C 16 2.10 -44.02 -41.49
CA LYS C 16 3.42 -43.74 -40.95
C LYS C 16 3.33 -42.64 -39.89
N LEU C 17 4.33 -42.63 -39.02
CA LEU C 17 4.58 -41.50 -38.12
C LEU C 17 3.40 -41.26 -37.17
N THR C 18 2.96 -42.33 -36.52
CA THR C 18 1.96 -42.20 -35.48
C THR C 18 2.58 -41.54 -34.26
N VAL C 19 1.80 -40.71 -33.57
CA VAL C 19 2.28 -39.95 -32.42
C VAL C 19 1.35 -40.24 -31.24
N TYR C 20 1.95 -40.46 -30.07
CA TYR C 20 1.21 -40.75 -28.85
C TYR C 20 1.51 -39.69 -27.80
N LEU C 21 0.50 -39.36 -27.00
CA LEU C 21 0.62 -38.35 -25.97
C LEU C 21 -0.26 -38.72 -24.79
N GLY C 22 0.03 -38.11 -23.64
CA GLY C 22 -0.73 -38.40 -22.43
C GLY C 22 -1.95 -37.53 -22.28
N LYS C 23 -2.10 -36.88 -21.12
CA LYS C 23 -3.24 -36.00 -20.90
C LYS C 23 -3.13 -34.78 -21.80
N ARG C 24 -4.25 -34.39 -22.40
CA ARG C 24 -4.32 -33.26 -23.32
C ARG C 24 -4.93 -32.03 -22.63
N ASP C 25 -4.74 -31.93 -21.32
CA ASP C 25 -5.30 -30.85 -20.52
C ASP C 25 -4.24 -30.32 -19.56
N PHE C 26 -3.06 -30.00 -20.11
CA PHE C 26 -1.92 -29.61 -19.28
C PHE C 26 -2.28 -28.40 -18.41
N VAL C 27 -1.80 -28.45 -17.16
CA VAL C 27 -2.31 -27.61 -16.09
C VAL C 27 -1.27 -26.54 -15.74
N ASP C 28 -1.72 -25.30 -15.62
CA ASP C 28 -0.91 -24.19 -15.10
C ASP C 28 -1.65 -23.62 -13.89
N HIS C 29 -1.29 -24.09 -12.70
CA HIS C 29 -2.01 -23.70 -11.49
C HIS C 29 -1.89 -22.20 -11.23
N ILE C 30 -0.69 -21.73 -10.94
CA ILE C 30 -0.41 -20.31 -10.81
C ILE C 30 0.75 -19.98 -11.73
N ASP C 31 1.87 -20.65 -11.52
CA ASP C 31 3.02 -20.66 -12.41
C ASP C 31 3.46 -22.10 -12.58
N LEU C 32 4.38 -22.33 -13.53
CA LEU C 32 4.88 -23.66 -13.87
C LEU C 32 3.80 -24.51 -14.51
N VAL C 33 4.20 -25.42 -15.40
CA VAL C 33 3.24 -26.21 -16.15
C VAL C 33 3.87 -27.57 -16.44
N ASP C 34 3.01 -28.59 -16.45
CA ASP C 34 3.43 -29.95 -16.80
C ASP C 34 4.07 -29.90 -18.16
N PRO C 35 5.24 -30.53 -18.41
CA PRO C 35 5.78 -30.55 -19.76
C PRO C 35 4.94 -31.42 -20.69
N VAL C 36 4.96 -31.06 -21.97
CA VAL C 36 4.22 -31.82 -22.97
C VAL C 36 5.04 -33.05 -23.33
N ASP C 37 4.82 -34.14 -22.61
CA ASP C 37 5.60 -35.36 -22.76
C ASP C 37 4.84 -36.39 -23.57
N GLY C 38 5.59 -37.30 -24.18
CA GLY C 38 5.00 -38.34 -24.99
C GLY C 38 6.06 -39.03 -25.82
N VAL C 39 5.57 -39.91 -26.69
CA VAL C 39 6.41 -40.70 -27.59
C VAL C 39 5.85 -40.59 -28.99
N VAL C 40 6.70 -40.28 -29.96
CA VAL C 40 6.33 -40.32 -31.37
C VAL C 40 6.90 -41.60 -31.97
N LEU C 41 6.09 -42.28 -32.75
CA LEU C 41 6.47 -43.55 -33.36
C LEU C 41 6.75 -43.32 -34.83
N VAL C 42 8.01 -43.52 -35.23
CA VAL C 42 8.42 -43.33 -36.61
C VAL C 42 9.07 -44.63 -37.06
N ASP C 43 8.52 -45.26 -38.09
CA ASP C 43 9.12 -46.46 -38.64
C ASP C 43 10.27 -46.09 -39.57
N PRO C 44 11.49 -46.56 -39.33
CA PRO C 44 12.63 -46.18 -40.17
C PRO C 44 12.80 -47.13 -41.37
N GLU C 45 11.73 -47.26 -42.16
CA GLU C 45 11.77 -48.09 -43.35
C GLU C 45 11.99 -47.30 -44.63
N TYR C 46 11.91 -45.98 -44.58
CA TYR C 46 12.12 -45.13 -45.75
C TYR C 46 13.36 -44.27 -45.62
N LEU C 47 13.48 -43.48 -44.54
CA LEU C 47 14.65 -42.64 -44.28
C LEU C 47 14.96 -41.71 -45.45
N LYS C 48 13.93 -41.29 -46.19
CA LYS C 48 14.16 -40.36 -47.29
C LYS C 48 14.64 -39.00 -46.78
N GLU C 49 14.08 -38.53 -45.67
CA GLU C 49 14.47 -37.24 -45.11
C GLU C 49 15.55 -37.36 -44.05
N ARG C 50 15.69 -38.54 -43.43
CA ARG C 50 16.68 -38.81 -42.40
C ARG C 50 16.59 -37.81 -41.24
N ARG C 51 15.44 -37.16 -41.08
CA ARG C 51 15.27 -36.16 -40.03
C ARG C 51 13.78 -35.96 -39.79
N VAL C 52 13.32 -36.28 -38.60
CA VAL C 52 11.95 -36.04 -38.18
C VAL C 52 11.97 -35.06 -37.01
N TYR C 53 11.28 -33.94 -37.17
CA TYR C 53 11.28 -32.89 -36.17
C TYR C 53 9.84 -32.55 -35.80
N VAL C 54 9.58 -32.50 -34.49
CA VAL C 54 8.25 -32.20 -33.96
C VAL C 54 8.28 -30.82 -33.32
N THR C 55 7.24 -30.04 -33.57
CA THR C 55 7.19 -28.65 -33.14
C THR C 55 5.92 -28.39 -32.34
N LEU C 56 5.98 -27.37 -31.49
CA LEU C 56 4.83 -26.90 -30.73
C LEU C 56 4.64 -25.41 -30.99
N THR C 57 3.43 -25.02 -31.36
CA THR C 57 3.11 -23.65 -31.72
C THR C 57 1.98 -23.14 -30.84
N CYS C 58 2.09 -21.89 -30.41
CA CYS C 58 1.05 -21.21 -29.64
C CYS C 58 0.29 -20.21 -30.50
N ALA C 59 -0.01 -20.58 -31.74
CA ALA C 59 -0.55 -19.66 -32.72
C ALA C 59 -1.85 -19.02 -32.25
N PHE C 60 -1.96 -17.72 -32.47
CA PHE C 60 -3.16 -16.94 -32.25
C PHE C 60 -3.90 -16.81 -33.59
N ARG C 61 -5.20 -16.56 -33.54
CA ARG C 61 -5.99 -16.49 -34.77
C ARG C 61 -7.11 -15.47 -34.67
N TYR C 62 -7.75 -15.19 -35.81
CA TYR C 62 -8.89 -14.26 -35.97
C TYR C 62 -9.20 -13.37 -34.77
N PHE C 74 -3.16 -14.96 -41.67
CA PHE C 74 -3.66 -15.60 -40.46
C PHE C 74 -2.51 -16.11 -39.60
N ARG C 75 -2.85 -16.65 -38.43
CA ARG C 75 -1.92 -17.34 -37.55
C ARG C 75 -0.76 -16.43 -37.14
N LYS C 76 -1.13 -15.38 -36.39
CA LYS C 76 -0.13 -14.54 -35.73
C LYS C 76 0.44 -15.33 -34.56
N ASP C 77 1.53 -16.05 -34.82
CA ASP C 77 2.06 -16.99 -33.84
C ASP C 77 2.64 -16.26 -32.63
N LEU C 78 2.82 -17.00 -31.55
CA LEU C 78 3.34 -16.46 -30.30
C LEU C 78 4.68 -17.08 -29.90
N PHE C 79 4.77 -18.41 -29.85
CA PHE C 79 6.00 -19.08 -29.46
C PHE C 79 6.05 -20.43 -30.16
N VAL C 80 7.10 -20.66 -30.94
CA VAL C 80 7.29 -21.89 -31.69
C VAL C 80 8.61 -22.51 -31.28
N ALA C 81 8.57 -23.79 -30.93
CA ALA C 81 9.76 -24.54 -30.55
C ALA C 81 9.88 -25.78 -31.43
N ASN C 82 11.11 -26.21 -31.67
CA ASN C 82 11.37 -27.36 -32.53
C ASN C 82 12.29 -28.34 -31.81
N VAL C 83 12.06 -29.62 -32.03
CA VAL C 83 12.84 -30.69 -31.43
C VAL C 83 13.19 -31.70 -32.53
N GLN C 84 14.46 -32.04 -32.63
CA GLN C 84 14.93 -33.08 -33.54
C GLN C 84 15.05 -34.38 -32.77
N SER C 85 14.43 -35.45 -33.29
CA SER C 85 14.33 -36.68 -32.52
C SER C 85 14.77 -37.95 -33.25
N PHE C 86 14.84 -37.96 -34.59
CA PHE C 86 15.29 -39.19 -35.27
C PHE C 86 16.73 -39.52 -34.91
N PRO C 87 17.68 -38.58 -34.97
CA PRO C 87 18.95 -38.79 -34.27
C PRO C 87 18.73 -38.72 -32.77
N PRO C 88 19.61 -39.35 -31.97
CA PRO C 88 19.39 -39.36 -30.52
C PRO C 88 19.41 -37.98 -29.88
N ALA C 89 20.01 -36.97 -30.54
CA ALA C 89 20.16 -35.63 -29.99
C ALA C 89 20.82 -35.72 -28.60
N PRO C 90 22.11 -36.02 -28.54
CA PRO C 90 22.73 -36.31 -27.24
C PRO C 90 22.88 -35.11 -26.31
N GLU C 91 22.49 -33.91 -26.76
CA GLU C 91 22.65 -32.73 -25.91
C GLU C 91 21.75 -32.82 -24.68
N ASP C 92 20.52 -33.30 -24.83
CA ASP C 92 19.61 -33.42 -23.71
C ASP C 92 19.50 -34.87 -23.24
N LYS C 93 19.19 -35.03 -21.96
CA LYS C 93 19.07 -36.34 -21.32
C LYS C 93 17.80 -36.41 -20.49
N LYS C 94 16.69 -35.99 -21.09
CA LYS C 94 15.42 -35.97 -20.40
C LYS C 94 15.04 -37.38 -19.96
N PRO C 95 14.72 -37.60 -18.69
CA PRO C 95 14.41 -38.96 -18.22
C PRO C 95 13.15 -39.51 -18.88
N LEU C 96 13.14 -40.83 -19.05
CA LEU C 96 11.96 -41.52 -19.57
C LEU C 96 10.80 -41.34 -18.59
N THR C 97 9.75 -40.65 -19.03
CA THR C 97 8.64 -40.32 -18.15
C THR C 97 7.94 -41.59 -17.66
N ARG C 98 7.06 -41.40 -16.67
CA ARG C 98 6.31 -42.53 -16.12
C ARG C 98 5.46 -43.17 -17.20
N LEU C 99 4.85 -42.36 -18.06
CA LEU C 99 4.15 -42.91 -19.22
C LEU C 99 5.14 -43.47 -20.24
N GLN C 100 6.24 -42.77 -20.47
CA GLN C 100 7.16 -43.17 -21.53
C GLN C 100 7.86 -44.49 -21.23
N GLU C 101 8.08 -44.79 -19.95
CA GLU C 101 8.76 -46.03 -19.59
C GLU C 101 8.02 -47.25 -20.11
N ARG C 102 6.69 -47.25 -19.97
CA ARG C 102 5.88 -48.32 -20.55
C ARG C 102 5.58 -48.08 -22.02
N LEU C 103 5.54 -46.82 -22.46
CA LEU C 103 5.23 -46.53 -23.86
C LEU C 103 6.29 -47.10 -24.79
N ILE C 104 7.55 -47.03 -24.39
CA ILE C 104 8.63 -47.59 -25.21
C ILE C 104 8.42 -49.08 -25.39
N LYS C 105 8.06 -49.78 -24.31
CA LYS C 105 7.85 -51.22 -24.40
C LYS C 105 6.60 -51.53 -25.22
N LYS C 106 5.58 -50.68 -25.13
CA LYS C 106 4.32 -50.96 -25.81
C LYS C 106 4.43 -50.73 -27.31
N LEU C 107 5.06 -49.63 -27.71
CA LEU C 107 5.15 -49.27 -29.12
C LEU C 107 6.17 -50.09 -29.90
N GLY C 108 7.18 -50.65 -29.24
CA GLY C 108 8.17 -51.44 -29.91
C GLY C 108 9.49 -50.72 -30.11
N GLU C 109 10.23 -51.18 -31.12
CA GLU C 109 11.58 -50.68 -31.37
C GLU C 109 11.57 -49.20 -31.75
N HIS C 110 10.63 -48.80 -32.61
CA HIS C 110 10.67 -47.50 -33.27
C HIS C 110 9.99 -46.40 -32.46
N ALA C 111 9.93 -46.54 -31.14
CA ALA C 111 9.32 -45.53 -30.28
C ALA C 111 10.41 -44.55 -29.86
N TYR C 112 10.38 -43.35 -30.44
CA TYR C 112 11.37 -42.33 -30.13
C TYR C 112 10.71 -41.19 -29.37
N PRO C 113 11.15 -40.87 -28.17
CA PRO C 113 10.41 -39.93 -27.31
C PRO C 113 10.57 -38.48 -27.75
N PHE C 114 9.66 -37.66 -27.24
CA PHE C 114 9.68 -36.22 -27.44
C PHE C 114 9.09 -35.55 -26.22
N THR C 115 9.60 -34.37 -25.89
CA THR C 115 9.11 -33.63 -24.73
C THR C 115 9.23 -32.14 -25.00
N PHE C 116 8.17 -31.40 -24.68
CA PHE C 116 8.16 -29.94 -24.83
C PHE C 116 8.03 -29.32 -23.44
N GLU C 117 9.15 -28.86 -22.90
CA GLU C 117 9.15 -28.11 -21.65
C GLU C 117 8.95 -26.64 -21.95
N ILE C 118 7.75 -26.13 -21.66
CA ILE C 118 7.33 -24.79 -22.05
C ILE C 118 7.42 -23.90 -20.82
N PRO C 119 8.21 -22.82 -20.87
CA PRO C 119 8.19 -21.84 -19.78
C PRO C 119 6.93 -21.00 -19.83
N PRO C 120 6.72 -20.09 -18.88
CA PRO C 120 5.55 -19.21 -19.00
C PRO C 120 5.68 -18.25 -20.16
N ASN C 121 5.00 -18.56 -21.26
CA ASN C 121 5.10 -17.80 -22.50
C ASN C 121 3.76 -17.25 -22.96
N LEU C 122 2.72 -18.07 -22.98
CA LEU C 122 1.43 -17.72 -23.57
C LEU C 122 0.33 -17.88 -22.54
N PRO C 123 -0.76 -17.12 -22.69
CA PRO C 123 -1.88 -17.24 -21.74
C PRO C 123 -2.72 -18.48 -21.99
N CYS C 124 -3.84 -18.59 -21.28
CA CYS C 124 -4.71 -19.75 -21.39
C CYS C 124 -5.36 -19.82 -22.76
N SER C 125 -5.72 -21.04 -23.16
CA SER C 125 -6.38 -21.27 -24.44
C SER C 125 -7.83 -20.86 -24.31
N VAL C 126 -8.12 -19.61 -24.66
CA VAL C 126 -9.47 -19.05 -24.59
C VAL C 126 -9.90 -18.70 -26.01
N THR C 127 -11.01 -19.26 -26.45
CA THR C 127 -11.50 -19.07 -27.81
C THR C 127 -12.68 -18.10 -27.78
N LEU C 128 -12.58 -17.03 -28.58
CA LEU C 128 -13.65 -16.04 -28.64
C LEU C 128 -14.87 -16.63 -29.30
N GLN C 129 -16.05 -16.13 -28.92
CA GLN C 129 -17.30 -16.70 -29.42
C GLN C 129 -17.49 -16.36 -30.89
N PRO C 130 -17.59 -17.35 -31.77
CA PRO C 130 -17.85 -17.05 -33.18
C PRO C 130 -19.23 -16.47 -33.37
N GLY C 131 -19.40 -15.70 -34.45
CA GLY C 131 -20.69 -15.20 -34.82
C GLY C 131 -21.35 -16.09 -35.85
N PRO C 132 -22.69 -16.16 -35.82
CA PRO C 132 -23.40 -16.93 -36.85
C PRO C 132 -23.08 -16.38 -38.24
N GLU C 133 -22.92 -17.30 -39.18
CA GLU C 133 -22.47 -17.03 -40.55
C GLU C 133 -21.08 -16.40 -40.54
N ASP C 134 -20.35 -16.49 -39.44
CA ASP C 134 -19.01 -15.92 -39.31
C ASP C 134 -18.07 -16.91 -38.65
N THR C 135 -18.29 -18.20 -38.88
CA THR C 135 -17.49 -19.24 -38.24
C THR C 135 -17.11 -20.29 -39.26
N GLY C 136 -15.81 -20.40 -39.54
CA GLY C 136 -15.30 -21.49 -40.35
C GLY C 136 -14.25 -22.31 -39.63
N LYS C 137 -13.53 -21.66 -38.71
CA LYS C 137 -12.51 -22.31 -37.91
C LYS C 137 -12.54 -21.72 -36.50
N ALA C 138 -11.60 -22.15 -35.67
CA ALA C 138 -11.47 -21.60 -34.33
C ALA C 138 -10.87 -20.19 -34.40
N CYS C 139 -11.14 -19.41 -33.35
CA CYS C 139 -10.66 -18.03 -33.27
C CYS C 139 -10.28 -17.74 -31.82
N GLY C 140 -8.99 -17.63 -31.56
CA GLY C 140 -8.51 -17.37 -30.21
C GLY C 140 -7.08 -17.80 -30.01
N VAL C 141 -6.80 -18.46 -28.89
CA VAL C 141 -5.48 -18.96 -28.56
C VAL C 141 -5.55 -20.48 -28.43
N ASP C 142 -4.63 -21.18 -29.09
CA ASP C 142 -4.58 -22.62 -29.03
C ASP C 142 -3.18 -23.10 -29.35
N TYR C 143 -2.90 -24.35 -28.98
CA TYR C 143 -1.62 -25.00 -29.27
C TYR C 143 -1.87 -26.12 -30.25
N GLU C 144 -0.96 -26.30 -31.21
CA GLU C 144 -1.17 -27.25 -32.29
C GLU C 144 -0.32 -28.50 -32.19
N VAL C 145 0.97 -28.36 -31.84
CA VAL C 145 1.89 -29.50 -31.72
C VAL C 145 1.96 -30.25 -33.05
N LYS C 146 2.54 -29.61 -34.06
CA LYS C 146 2.72 -30.25 -35.35
C LYS C 146 3.88 -31.23 -35.30
N ALA C 147 3.82 -32.24 -36.17
CA ALA C 147 4.91 -33.19 -36.34
C ALA C 147 5.13 -33.45 -37.82
N PHE C 148 6.40 -33.62 -38.20
CA PHE C 148 6.75 -33.74 -39.60
C PHE C 148 8.07 -34.47 -39.75
N CYS C 149 8.33 -34.97 -40.96
CA CYS C 149 9.58 -35.65 -41.30
C CYS C 149 10.20 -34.95 -42.51
N ALA C 150 11.18 -34.09 -42.26
CA ALA C 150 11.78 -33.27 -43.30
C ALA C 150 13.28 -33.22 -43.12
N GLU C 151 14.01 -33.37 -44.23
CA GLU C 151 15.47 -33.28 -44.18
C GLU C 151 15.92 -31.86 -43.87
N ASN C 152 15.33 -30.87 -44.53
CA ASN C 152 15.68 -29.47 -44.30
C ASN C 152 15.02 -28.98 -43.01
N LEU C 153 15.10 -27.68 -42.77
CA LEU C 153 14.56 -27.10 -41.54
C LEU C 153 13.16 -26.52 -41.74
N GLU C 154 12.93 -25.79 -42.83
CA GLU C 154 11.68 -25.06 -43.02
C GLU C 154 11.05 -25.36 -44.38
N GLU C 155 11.28 -26.54 -44.93
CA GLU C 155 10.60 -26.91 -46.16
C GLU C 155 9.13 -27.19 -45.86
N LYS C 156 8.29 -27.06 -46.89
CA LYS C 156 6.85 -27.26 -46.76
C LYS C 156 6.53 -28.75 -46.87
N ILE C 157 6.08 -29.34 -45.76
CA ILE C 157 5.76 -30.77 -45.75
C ILE C 157 4.32 -30.96 -46.19
N HIS C 158 3.39 -30.45 -45.39
CA HIS C 158 1.94 -30.60 -45.62
C HIS C 158 1.60 -32.03 -46.00
N LYS C 159 0.88 -32.19 -47.11
CA LYS C 159 0.61 -33.49 -47.70
C LYS C 159 -0.03 -34.46 -46.71
N ARG C 160 0.66 -35.56 -46.46
CA ARG C 160 0.15 -36.68 -45.66
C ARG C 160 0.87 -36.83 -44.33
N ASN C 161 2.20 -36.89 -44.34
CA ASN C 161 2.96 -37.14 -43.11
C ASN C 161 3.11 -35.85 -42.29
N SER C 162 2.00 -35.18 -42.02
CA SER C 162 1.95 -34.02 -41.14
C SER C 162 0.74 -34.16 -40.23
N VAL C 163 0.98 -34.09 -38.93
CA VAL C 163 -0.04 -34.36 -37.93
C VAL C 163 -0.04 -33.26 -36.88
N ARG C 164 -1.23 -32.75 -36.56
CA ARG C 164 -1.41 -31.80 -35.48
C ARG C 164 -2.26 -32.43 -34.37
N LEU C 165 -2.16 -31.87 -33.18
CA LEU C 165 -2.90 -32.39 -32.04
C LEU C 165 -3.19 -31.23 -31.10
N VAL C 166 -4.44 -30.77 -31.08
CA VAL C 166 -4.82 -29.60 -30.31
C VAL C 166 -4.74 -29.94 -28.82
N ILE C 167 -3.90 -29.21 -28.09
CA ILE C 167 -3.78 -29.35 -26.65
C ILE C 167 -4.11 -27.99 -26.03
N ARG C 168 -4.53 -28.04 -24.76
CA ARG C 168 -4.98 -26.84 -24.08
C ARG C 168 -4.24 -26.67 -22.76
N LYS C 169 -4.06 -25.42 -22.36
CA LYS C 169 -3.52 -25.07 -21.05
C LYS C 169 -4.61 -24.36 -20.27
N VAL C 170 -4.94 -24.88 -19.09
CA VAL C 170 -6.01 -24.33 -18.26
C VAL C 170 -5.49 -24.11 -16.84
N GLN C 171 -6.13 -23.18 -16.14
CA GLN C 171 -5.80 -22.87 -14.76
C GLN C 171 -7.00 -23.20 -13.87
N TYR C 172 -6.72 -23.73 -12.69
CA TYR C 172 -7.75 -24.14 -11.75
C TYR C 172 -7.73 -23.23 -10.52
N ALA C 173 -8.68 -23.46 -9.64
CA ALA C 173 -8.88 -22.62 -8.47
C ALA C 173 -7.73 -22.78 -7.48
N PRO C 174 -7.05 -21.71 -7.09
CA PRO C 174 -6.00 -21.83 -6.06
C PRO C 174 -6.62 -22.01 -4.68
N GLU C 175 -5.81 -22.53 -3.77
CA GLU C 175 -6.24 -22.78 -2.39
C GLU C 175 -6.11 -21.50 -1.55
N ARG C 176 -6.78 -20.45 -2.00
CA ARG C 176 -6.76 -19.16 -1.32
C ARG C 176 -8.09 -18.46 -1.57
N PRO C 177 -9.03 -18.53 -0.62
CA PRO C 177 -10.31 -17.84 -0.80
C PRO C 177 -10.18 -16.34 -1.00
N GLY C 178 -9.20 -15.71 -0.36
CA GLY C 178 -8.99 -14.29 -0.50
C GLY C 178 -9.86 -13.49 0.45
N PRO C 179 -9.67 -12.16 0.44
CA PRO C 179 -10.47 -11.31 1.34
C PRO C 179 -11.88 -11.10 0.85
N GLN C 180 -12.66 -10.27 1.57
CA GLN C 180 -14.00 -9.92 1.13
C GLN C 180 -13.95 -8.59 0.41
N PRO C 181 -14.26 -8.54 -0.89
CA PRO C 181 -14.18 -7.27 -1.63
C PRO C 181 -15.17 -6.25 -1.09
N THR C 182 -14.69 -5.03 -0.90
CA THR C 182 -15.50 -3.93 -0.39
C THR C 182 -15.19 -2.67 -1.17
N ALA C 183 -16.16 -1.76 -1.20
CA ALA C 183 -16.00 -0.48 -1.87
C ALA C 183 -16.97 0.52 -1.27
N GLU C 184 -16.71 1.81 -1.52
CA GLU C 184 -17.56 2.86 -1.00
C GLU C 184 -17.34 4.14 -1.79
N THR C 185 -18.42 4.73 -2.28
CA THR C 185 -18.40 6.04 -2.92
C THR C 185 -19.27 7.00 -2.11
N THR C 186 -18.95 8.29 -2.17
CA THR C 186 -19.55 9.24 -1.23
C THR C 186 -20.12 10.49 -1.90
N ARG C 187 -19.59 10.92 -3.04
CA ARG C 187 -20.04 12.20 -3.59
C ARG C 187 -19.91 12.25 -5.11
N GLN C 188 -20.69 13.12 -5.76
CA GLN C 188 -20.61 13.29 -7.21
C GLN C 188 -21.33 14.57 -7.62
N PHE C 189 -21.28 14.92 -8.91
CA PHE C 189 -21.90 16.13 -9.45
C PHE C 189 -23.39 16.21 -9.18
N LEU C 190 -23.80 17.17 -8.36
CA LEU C 190 -25.20 17.57 -8.18
C LEU C 190 -26.12 16.38 -7.93
N MET C 191 -25.49 15.26 -7.52
CA MET C 191 -26.24 14.02 -7.20
C MET C 191 -25.75 13.66 -5.79
N SER C 192 -24.55 13.12 -5.60
CA SER C 192 -24.23 12.83 -4.18
C SER C 192 -24.02 14.15 -3.41
N ASP C 193 -25.05 14.71 -2.73
CA ASP C 193 -24.76 15.96 -1.94
C ASP C 193 -24.87 15.75 -0.43
N LYS C 194 -26.04 15.61 0.17
CA LYS C 194 -26.06 15.36 1.63
C LYS C 194 -25.49 13.97 1.74
N PRO C 195 -25.19 13.46 2.93
CA PRO C 195 -24.64 12.11 3.13
C PRO C 195 -25.36 11.19 2.14
N LEU C 196 -24.59 10.47 1.32
CA LEU C 196 -25.20 9.49 0.39
C LEU C 196 -24.05 8.52 0.06
N HIS C 197 -24.02 7.35 0.71
CA HIS C 197 -22.86 6.43 0.51
C HIS C 197 -23.34 5.01 0.20
N LEU C 198 -22.53 4.26 -0.55
CA LEU C 198 -22.82 2.88 -0.87
C LEU C 198 -21.77 1.99 -0.22
N GLU C 199 -22.22 0.99 0.53
CA GLU C 199 -21.33 0.07 1.23
C GLU C 199 -21.50 -1.34 0.70
N ALA C 200 -21.59 -1.48 -0.62
CA ALA C 200 -21.75 -2.79 -1.23
C ALA C 200 -20.50 -3.63 -1.02
N SER C 201 -20.71 -4.92 -0.74
CA SER C 201 -19.62 -5.85 -0.49
C SER C 201 -19.91 -7.17 -1.22
N LEU C 202 -19.03 -8.14 -1.01
CA LEU C 202 -19.16 -9.47 -1.61
C LEU C 202 -18.92 -10.53 -0.54
N ASP C 203 -19.15 -11.78 -0.93
CA ASP C 203 -18.96 -12.89 0.01
C ASP C 203 -17.53 -13.39 0.01
N LYS C 204 -17.04 -13.81 -1.14
CA LYS C 204 -15.67 -14.32 -1.27
C LYS C 204 -15.13 -13.88 -2.61
N GLU C 205 -13.90 -14.31 -2.93
CA GLU C 205 -13.26 -13.96 -4.18
C GLU C 205 -13.22 -15.08 -5.20
N ILE C 206 -13.38 -16.33 -4.77
CA ILE C 206 -13.33 -17.47 -5.67
C ILE C 206 -14.74 -18.05 -5.80
N TYR C 207 -15.19 -18.22 -7.03
CA TYR C 207 -16.48 -18.82 -7.32
C TYR C 207 -16.31 -19.85 -8.43
N TYR C 208 -17.22 -20.83 -8.44
CA TYR C 208 -17.18 -21.89 -9.42
C TYR C 208 -18.32 -21.71 -10.42
N HIS C 209 -18.08 -22.14 -11.66
CA HIS C 209 -19.00 -21.87 -12.75
C HIS C 209 -20.35 -22.51 -12.49
N GLY C 210 -21.41 -21.75 -12.76
CA GLY C 210 -22.77 -22.19 -12.51
C GLY C 210 -23.25 -22.00 -11.09
N GLU C 211 -22.42 -21.45 -10.20
CA GLU C 211 -22.77 -21.21 -8.82
C GLU C 211 -23.09 -19.74 -8.61
N PRO C 212 -24.23 -19.40 -8.00
CA PRO C 212 -24.62 -17.99 -7.89
C PRO C 212 -23.67 -17.19 -7.02
N ILE C 213 -23.57 -15.90 -7.31
CA ILE C 213 -22.80 -14.94 -6.53
C ILE C 213 -23.78 -13.95 -5.90
N SER C 214 -23.54 -13.61 -4.64
CA SER C 214 -24.44 -12.76 -3.86
C SER C 214 -23.76 -11.45 -3.52
N VAL C 215 -24.53 -10.37 -3.55
CA VAL C 215 -24.05 -9.04 -3.24
C VAL C 215 -25.03 -8.37 -2.28
N ASN C 216 -24.50 -7.70 -1.26
CA ASN C 216 -25.30 -6.99 -0.28
C ASN C 216 -25.06 -5.49 -0.40
N VAL C 217 -26.14 -4.72 -0.21
CA VAL C 217 -26.10 -3.27 -0.36
C VAL C 217 -26.44 -2.63 0.99
N HIS C 218 -25.83 -1.47 1.24
CA HIS C 218 -26.03 -0.73 2.48
C HIS C 218 -26.17 0.76 2.18
N VAL C 219 -26.95 1.10 1.16
CA VAL C 219 -27.19 2.50 0.84
C VAL C 219 -27.93 3.17 1.98
N THR C 220 -27.61 4.43 2.24
CA THR C 220 -28.20 5.18 3.34
C THR C 220 -29.26 6.18 2.88
N ASN C 221 -28.96 6.95 1.83
CA ASN C 221 -29.86 7.96 1.28
C ASN C 221 -30.27 8.98 2.34
N ASN C 222 -29.26 9.61 2.94
CA ASN C 222 -29.47 10.75 3.80
C ASN C 222 -29.55 12.06 3.02
N THR C 223 -29.68 11.97 1.69
CA THR C 223 -29.53 13.09 0.79
C THR C 223 -30.72 14.04 0.89
N ASN C 224 -30.72 15.06 0.03
CA ASN C 224 -31.82 16.00 -0.11
C ASN C 224 -32.58 15.75 -1.41
N LYS C 225 -32.44 14.55 -1.97
CA LYS C 225 -33.12 14.18 -3.21
C LYS C 225 -33.27 12.66 -3.25
N THR C 226 -34.35 12.20 -3.85
CA THR C 226 -34.63 10.76 -3.90
C THR C 226 -33.74 10.06 -4.91
N VAL C 227 -33.69 8.74 -4.81
CA VAL C 227 -32.96 7.90 -5.74
C VAL C 227 -33.86 6.77 -6.22
N LYS C 228 -33.66 6.35 -7.47
CA LYS C 228 -34.51 5.35 -8.09
C LYS C 228 -33.91 3.95 -7.88
N LYS C 229 -34.45 2.96 -8.59
CA LYS C 229 -34.04 1.57 -8.40
C LYS C 229 -32.61 1.35 -8.87
N ILE C 230 -31.90 0.47 -8.16
CA ILE C 230 -30.54 0.11 -8.51
C ILE C 230 -30.55 -0.95 -9.61
N LYS C 231 -29.39 -1.21 -10.21
CA LYS C 231 -29.27 -2.20 -11.28
C LYS C 231 -27.96 -2.95 -11.09
N ILE C 232 -28.05 -4.16 -10.54
CA ILE C 232 -26.88 -4.99 -10.32
C ILE C 232 -26.52 -5.70 -11.63
N SER C 233 -25.26 -5.60 -12.04
CA SER C 233 -24.81 -6.20 -13.29
C SER C 233 -23.44 -6.82 -13.08
N VAL C 234 -23.11 -7.76 -13.96
CA VAL C 234 -21.82 -8.44 -13.95
C VAL C 234 -21.11 -8.12 -15.25
N ARG C 235 -19.88 -7.61 -15.15
CA ARG C 235 -19.08 -7.23 -16.30
C ARG C 235 -17.99 -8.27 -16.55
N GLN C 236 -17.60 -8.41 -17.81
CA GLN C 236 -16.49 -9.26 -18.21
C GLN C 236 -15.43 -8.35 -18.82
N TYR C 237 -14.35 -8.14 -18.09
CA TYR C 237 -13.26 -7.27 -18.55
C TYR C 237 -12.24 -8.11 -19.32
N ALA C 238 -12.61 -8.43 -20.55
CA ALA C 238 -11.78 -9.29 -21.42
C ALA C 238 -10.74 -8.42 -22.11
N ASP C 239 -9.57 -8.33 -21.49
CA ASP C 239 -8.44 -7.61 -22.07
C ASP C 239 -7.80 -8.51 -23.13
N ILE C 240 -8.20 -8.32 -24.38
CA ILE C 240 -7.75 -9.16 -25.48
C ILE C 240 -7.21 -8.29 -26.60
N CYS C 241 -6.00 -8.61 -27.06
CA CYS C 241 -5.39 -7.97 -28.23
C CYS C 241 -4.09 -8.69 -28.55
N LEU C 242 -3.71 -8.63 -29.82
CA LEU C 242 -2.44 -9.18 -30.29
C LEU C 242 -1.52 -8.10 -30.86
N PHE C 243 -2.01 -7.30 -31.79
CA PHE C 243 -1.24 -6.19 -32.35
C PHE C 243 -1.42 -5.00 -31.42
N ASN C 244 -0.36 -4.64 -30.70
CA ASN C 244 -0.38 -3.63 -29.65
C ASN C 244 -1.29 -4.07 -28.51
N THR C 245 -2.24 -3.23 -28.13
CA THR C 245 -3.13 -3.53 -27.01
C THR C 245 -4.52 -3.00 -27.28
N ALA C 246 -5.49 -3.52 -26.54
CA ALA C 246 -6.88 -3.10 -26.62
C ALA C 246 -7.56 -3.44 -25.30
N GLN C 247 -8.87 -3.25 -25.26
CA GLN C 247 -9.64 -3.58 -24.07
C GLN C 247 -11.11 -3.76 -24.47
N TYR C 248 -11.76 -4.73 -23.84
CA TYR C 248 -13.16 -5.03 -24.14
C TYR C 248 -13.92 -5.21 -22.83
N LYS C 249 -15.23 -4.97 -22.89
CA LYS C 249 -16.08 -5.11 -21.72
C LYS C 249 -17.49 -5.42 -22.20
N CYS C 250 -17.96 -6.64 -21.96
CA CYS C 250 -19.27 -7.07 -22.39
C CYS C 250 -20.07 -7.63 -21.22
N PRO C 251 -21.39 -7.47 -21.22
CA PRO C 251 -22.20 -7.96 -20.10
C PRO C 251 -22.24 -9.48 -20.04
N VAL C 252 -22.38 -10.00 -18.83
CA VAL C 252 -22.54 -11.43 -18.58
C VAL C 252 -23.92 -11.72 -17.99
N ALA C 253 -24.29 -11.02 -16.93
CA ALA C 253 -25.60 -11.18 -16.30
C ALA C 253 -25.97 -9.89 -15.60
N MET C 254 -27.27 -9.63 -15.50
CA MET C 254 -27.77 -8.43 -14.83
C MET C 254 -29.11 -8.74 -14.18
N GLU C 255 -29.47 -7.91 -13.20
CA GLU C 255 -30.73 -8.05 -12.49
C GLU C 255 -31.25 -6.67 -12.12
N GLU C 256 -32.57 -6.52 -12.13
CA GLU C 256 -33.21 -5.26 -11.80
C GLU C 256 -33.48 -5.19 -10.30
N ALA C 257 -34.25 -4.18 -9.88
CA ALA C 257 -34.58 -3.99 -8.47
C ALA C 257 -35.92 -3.26 -8.40
N ASP C 258 -36.24 -2.74 -7.21
CA ASP C 258 -37.50 -2.07 -6.96
C ASP C 258 -37.27 -0.58 -6.69
N ASP C 259 -38.27 0.23 -7.01
CA ASP C 259 -38.24 1.67 -6.77
C ASP C 259 -38.94 1.93 -5.43
N THR C 260 -38.17 1.79 -4.35
CA THR C 260 -38.70 1.97 -3.01
C THR C 260 -37.79 2.76 -2.08
N VAL C 261 -36.63 3.24 -2.54
CA VAL C 261 -35.70 3.93 -1.65
C VAL C 261 -36.18 5.36 -1.45
N ALA C 262 -36.43 5.71 -0.20
CA ALA C 262 -36.86 7.05 0.19
C ALA C 262 -35.74 7.76 0.94
N PRO C 263 -35.76 9.09 0.99
CA PRO C 263 -34.74 9.81 1.78
C PRO C 263 -34.76 9.36 3.23
N SER C 264 -33.56 9.23 3.81
CA SER C 264 -33.37 8.73 5.17
C SER C 264 -33.98 7.34 5.32
N SER C 265 -33.49 6.41 4.48
CA SER C 265 -33.92 5.02 4.54
C SER C 265 -32.74 4.15 4.16
N THR C 266 -32.25 3.35 5.09
CA THR C 266 -31.09 2.49 4.86
C THR C 266 -31.56 1.16 4.30
N PHE C 267 -31.57 1.06 2.98
CA PHE C 267 -31.92 -0.20 2.32
C PHE C 267 -30.78 -1.19 2.48
N CYS C 268 -31.10 -2.40 2.92
CA CYS C 268 -30.11 -3.44 3.20
C CYS C 268 -30.49 -4.74 2.50
N LYS C 269 -30.95 -4.62 1.26
CA LYS C 269 -31.33 -5.79 0.48
C LYS C 269 -30.09 -6.57 0.04
N VAL C 270 -30.30 -7.84 -0.28
CA VAL C 270 -29.26 -8.71 -0.78
C VAL C 270 -29.77 -9.37 -2.07
N TYR C 271 -28.89 -9.50 -3.05
CA TYR C 271 -29.26 -10.00 -4.36
C TYR C 271 -28.32 -11.11 -4.78
N THR C 272 -28.87 -12.10 -5.48
CA THR C 272 -28.12 -13.25 -5.97
C THR C 272 -28.17 -13.26 -7.48
N LEU C 273 -27.00 -13.25 -8.11
CA LEU C 273 -26.88 -13.29 -9.56
C LEU C 273 -26.12 -14.55 -9.97
N THR C 274 -26.64 -15.25 -10.97
CA THR C 274 -26.02 -16.47 -11.47
C THR C 274 -25.54 -16.26 -12.89
N PRO C 275 -24.25 -16.05 -13.12
CA PRO C 275 -23.76 -15.94 -14.50
C PRO C 275 -23.85 -17.28 -15.21
N PHE C 276 -24.57 -17.31 -16.33
CA PHE C 276 -24.78 -18.55 -17.06
C PHE C 276 -24.77 -18.27 -18.55
N LEU C 277 -24.48 -19.30 -19.33
CA LEU C 277 -24.28 -19.18 -20.77
C LEU C 277 -25.55 -19.43 -21.57
N ALA C 278 -26.65 -19.82 -20.93
CA ALA C 278 -27.86 -20.14 -21.69
C ALA C 278 -28.44 -18.91 -22.37
N ASN C 279 -28.15 -17.73 -21.84
CA ASN C 279 -28.69 -16.50 -22.42
C ASN C 279 -27.67 -15.74 -23.26
N ASN C 280 -26.42 -15.59 -22.81
CA ASN C 280 -25.44 -14.89 -23.63
C ASN C 280 -24.92 -15.79 -24.74
N ARG C 281 -25.83 -16.35 -25.54
CA ARG C 281 -25.43 -17.16 -26.68
C ARG C 281 -25.09 -16.34 -27.90
N GLU C 282 -25.76 -15.20 -28.09
CA GLU C 282 -25.58 -14.37 -29.27
C GLU C 282 -24.61 -13.22 -29.04
N LYS C 283 -24.00 -13.13 -27.87
CA LYS C 283 -23.04 -12.05 -27.61
C LYS C 283 -21.78 -12.27 -28.43
N ARG C 284 -21.43 -11.27 -29.23
CA ARG C 284 -20.21 -11.29 -30.03
C ARG C 284 -19.05 -10.83 -29.17
N GLY C 285 -17.96 -11.58 -29.19
CA GLY C 285 -16.82 -11.23 -28.39
C GLY C 285 -16.83 -11.71 -26.96
N LEU C 286 -17.77 -12.57 -26.60
CA LEU C 286 -17.79 -13.15 -25.26
C LEU C 286 -16.81 -14.32 -25.20
N ALA C 287 -15.77 -14.18 -24.39
CA ALA C 287 -14.72 -15.19 -24.33
C ALA C 287 -15.25 -16.50 -23.76
N LEU C 288 -14.71 -17.61 -24.27
CA LEU C 288 -15.10 -18.94 -23.82
C LEU C 288 -13.85 -19.76 -23.54
N ASP C 289 -14.03 -20.84 -22.78
CA ASP C 289 -12.91 -21.73 -22.53
C ASP C 289 -12.55 -22.51 -23.80
N GLY C 290 -11.39 -23.15 -23.75
CA GLY C 290 -10.84 -23.82 -24.92
C GLY C 290 -11.74 -24.87 -25.53
N LYS C 291 -11.92 -24.80 -26.85
CA LYS C 291 -12.73 -25.75 -27.59
C LYS C 291 -11.83 -26.58 -28.49
N LEU C 292 -11.86 -27.90 -28.31
CA LEU C 292 -11.03 -28.76 -29.14
C LEU C 292 -11.52 -28.80 -30.57
N LYS C 293 -12.82 -29.02 -30.79
CA LYS C 293 -13.39 -28.98 -32.13
C LYS C 293 -14.85 -28.54 -32.03
N HIS C 294 -15.06 -27.23 -32.15
CA HIS C 294 -16.39 -26.60 -32.23
C HIS C 294 -17.40 -27.27 -31.29
N GLU C 295 -16.99 -27.47 -30.05
CA GLU C 295 -17.86 -28.09 -29.05
C GLU C 295 -18.59 -27.02 -28.24
N ASP C 296 -19.55 -27.47 -27.44
CA ASP C 296 -20.32 -26.59 -26.57
C ASP C 296 -19.59 -26.49 -25.24
N THR C 297 -18.79 -25.44 -25.09
CA THR C 297 -17.95 -25.26 -23.91
C THR C 297 -18.69 -24.45 -22.85
N ASN C 298 -17.96 -24.01 -21.84
CA ASN C 298 -18.48 -23.19 -20.76
C ASN C 298 -18.00 -21.75 -20.92
N LEU C 299 -18.35 -20.90 -19.96
CA LEU C 299 -17.88 -19.53 -19.98
C LEU C 299 -16.38 -19.48 -19.70
N ALA C 300 -15.76 -18.37 -20.07
CA ALA C 300 -14.32 -18.21 -19.87
C ALA C 300 -13.99 -18.06 -18.40
N SER C 301 -12.98 -18.80 -17.95
CA SER C 301 -12.51 -18.72 -16.58
C SER C 301 -11.48 -17.59 -16.47
N SER C 302 -11.55 -16.84 -15.38
CA SER C 302 -10.63 -15.74 -15.16
C SER C 302 -9.21 -16.27 -14.99
N THR C 303 -8.25 -15.60 -15.61
CA THR C 303 -6.85 -15.99 -15.53
C THR C 303 -6.16 -15.29 -14.37
N LEU C 304 -5.02 -15.85 -13.96
CA LEU C 304 -4.14 -15.21 -12.98
C LEU C 304 -3.26 -14.22 -13.74
N LEU C 305 -3.33 -12.95 -13.34
CA LEU C 305 -2.66 -11.89 -14.07
C LEU C 305 -1.18 -11.85 -13.69
N ARG C 306 -0.37 -12.63 -14.39
CA ARG C 306 1.10 -12.63 -14.25
C ARG C 306 1.51 -12.76 -12.79
N GLU C 307 0.98 -13.81 -12.14
CA GLU C 307 1.23 -14.17 -10.74
C GLU C 307 1.16 -12.95 -9.82
N GLY C 308 0.37 -11.95 -10.19
CA GLY C 308 0.19 -10.77 -9.37
C GLY C 308 1.46 -10.00 -9.08
N ALA C 309 2.45 -10.07 -9.97
CA ALA C 309 3.72 -9.40 -9.75
C ALA C 309 4.24 -8.62 -10.94
N ASN C 310 3.82 -8.95 -12.17
CA ASN C 310 4.35 -8.31 -13.37
C ASN C 310 3.33 -7.46 -14.12
N ARG C 311 2.10 -7.95 -14.27
CA ARG C 311 1.04 -7.26 -15.00
C ARG C 311 1.44 -6.99 -16.45
N GLU C 312 2.27 -7.85 -17.02
CA GLU C 312 2.68 -7.77 -18.41
C GLU C 312 2.16 -8.99 -19.15
N ILE C 313 1.51 -8.77 -20.29
CA ILE C 313 0.88 -9.84 -21.05
C ILE C 313 1.20 -9.68 -22.53
N LEU C 314 1.02 -10.77 -23.27
CA LEU C 314 1.22 -10.77 -24.72
C LEU C 314 0.10 -11.50 -25.45
N GLY C 315 -0.98 -11.86 -24.76
CA GLY C 315 -2.07 -12.61 -25.36
C GLY C 315 -3.41 -12.19 -24.84
N ILE C 316 -4.23 -13.16 -24.43
CA ILE C 316 -5.60 -12.93 -24.01
C ILE C 316 -5.68 -12.91 -22.49
N ILE C 317 -6.33 -11.87 -21.95
CA ILE C 317 -6.62 -11.77 -20.53
C ILE C 317 -8.13 -11.72 -20.34
N VAL C 318 -8.65 -12.57 -19.46
CA VAL C 318 -10.06 -12.58 -19.10
C VAL C 318 -10.16 -12.29 -17.61
N SER C 319 -10.93 -11.27 -17.25
CA SER C 319 -11.14 -10.92 -15.86
C SER C 319 -12.60 -10.53 -15.66
N TYR C 320 -13.05 -10.55 -14.41
CA TYR C 320 -14.45 -10.34 -14.09
C TYR C 320 -14.58 -9.30 -12.98
N LYS C 321 -15.71 -8.59 -13.00
CA LYS C 321 -16.00 -7.59 -11.99
C LYS C 321 -17.48 -7.25 -12.04
N VAL C 322 -18.11 -7.13 -10.86
CA VAL C 322 -19.51 -6.77 -10.77
C VAL C 322 -19.63 -5.25 -10.67
N LYS C 323 -20.83 -4.74 -10.96
CA LYS C 323 -21.11 -3.31 -10.92
C LYS C 323 -22.43 -3.07 -10.21
N VAL C 324 -22.50 -1.96 -9.48
CA VAL C 324 -23.71 -1.55 -8.77
C VAL C 324 -24.01 -0.12 -9.20
N LYS C 325 -25.07 0.07 -9.98
CA LYS C 325 -25.47 1.37 -10.45
C LYS C 325 -26.70 1.87 -9.69
N LEU C 326 -26.75 3.19 -9.48
CA LEU C 326 -27.84 3.82 -8.75
C LEU C 326 -28.38 5.00 -9.55
N VAL C 327 -29.70 5.09 -9.65
CA VAL C 327 -30.36 6.15 -10.41
C VAL C 327 -30.97 7.14 -9.43
N VAL C 328 -30.98 8.42 -9.83
CA VAL C 328 -31.47 9.49 -8.96
C VAL C 328 -32.84 9.96 -9.44
N SER C 329 -33.03 10.00 -10.76
CA SER C 329 -34.23 10.55 -11.39
C SER C 329 -34.42 12.02 -10.98
N ARG C 330 -33.45 12.83 -11.42
CA ARG C 330 -33.42 14.26 -11.13
C ARG C 330 -34.70 14.94 -11.61
N GLY C 331 -35.05 16.08 -10.99
CA GLY C 331 -36.36 16.67 -11.21
C GLY C 331 -36.43 18.16 -11.47
N GLY C 332 -35.56 18.70 -12.32
CA GLY C 332 -35.71 20.10 -12.69
C GLY C 332 -34.52 20.78 -13.32
N LEU C 333 -34.43 22.10 -13.10
CA LEU C 333 -33.43 22.95 -13.74
C LEU C 333 -32.32 23.36 -12.77
N LEU C 334 -32.43 22.99 -11.49
CA LEU C 334 -31.46 23.41 -10.49
C LEU C 334 -30.16 22.62 -10.62
N GLY C 335 -29.55 22.69 -11.81
CA GLY C 335 -28.32 21.95 -12.05
C GLY C 335 -28.49 20.45 -11.97
N ASP C 336 -29.59 19.92 -12.50
CA ASP C 336 -29.89 18.50 -12.38
C ASP C 336 -29.35 17.70 -13.56
N LEU C 337 -29.51 18.21 -14.79
CA LEU C 337 -29.11 17.46 -15.97
C LEU C 337 -27.59 17.44 -16.12
N ALA C 338 -26.93 16.55 -15.39
CA ALA C 338 -25.49 16.38 -15.46
C ALA C 338 -25.16 14.93 -15.12
N SER C 339 -23.90 14.66 -14.85
CA SER C 339 -23.45 13.33 -14.44
C SER C 339 -23.94 13.08 -13.03
N SER C 340 -25.03 12.34 -12.90
CA SER C 340 -25.71 12.12 -11.62
C SER C 340 -25.91 10.64 -11.36
N ASP C 341 -24.86 9.84 -11.56
CA ASP C 341 -24.92 8.41 -11.32
C ASP C 341 -23.70 8.03 -10.49
N VAL C 342 -23.94 7.27 -9.42
CA VAL C 342 -22.89 6.76 -8.55
C VAL C 342 -22.79 5.26 -8.74
N ALA C 343 -21.56 4.74 -8.80
CA ALA C 343 -21.36 3.33 -9.06
C ALA C 343 -20.06 2.86 -8.43
N VAL C 344 -20.01 1.57 -8.11
CA VAL C 344 -18.82 0.92 -7.56
C VAL C 344 -18.57 -0.37 -8.35
N GLU C 345 -17.34 -0.86 -8.25
CA GLU C 345 -16.94 -2.09 -8.93
C GLU C 345 -16.19 -3.00 -7.96
N LEU C 346 -16.54 -4.28 -7.96
CA LEU C 346 -15.92 -5.27 -7.09
C LEU C 346 -15.38 -6.41 -7.94
N PRO C 347 -14.07 -6.64 -7.96
CA PRO C 347 -13.53 -7.75 -8.74
C PRO C 347 -13.74 -9.09 -8.06
N PHE C 348 -13.72 -10.14 -8.87
CA PHE C 348 -13.78 -11.50 -8.37
C PHE C 348 -13.17 -12.44 -9.40
N THR C 349 -12.80 -13.64 -8.95
CA THR C 349 -12.17 -14.63 -9.80
C THR C 349 -13.09 -15.86 -9.87
N LEU C 350 -13.60 -16.14 -11.06
CA LEU C 350 -14.54 -17.24 -11.29
C LEU C 350 -13.79 -18.38 -11.98
N MET C 351 -13.57 -19.47 -11.26
CA MET C 351 -12.68 -20.54 -11.72
C MET C 351 -13.32 -21.90 -11.46
N HIS C 352 -12.88 -22.91 -12.23
CA HIS C 352 -13.29 -24.28 -11.94
C HIS C 352 -12.48 -24.83 -10.77
N PRO C 353 -13.07 -25.71 -9.96
CA PRO C 353 -12.37 -26.25 -8.78
C PRO C 353 -11.63 -27.55 -9.08
N LYS C 354 -10.55 -27.75 -8.35
CA LYS C 354 -9.81 -29.01 -8.39
C LYS C 354 -8.90 -29.15 -7.17
N ALA D 10 31.14 -22.26 -11.83
CA ALA D 10 31.82 -22.72 -10.62
C ALA D 10 30.92 -22.55 -9.40
N GLN D 11 29.82 -21.81 -9.58
CA GLN D 11 28.89 -21.62 -8.47
C GLN D 11 28.26 -22.93 -8.03
N ALA D 12 27.93 -23.80 -8.99
CA ALA D 12 27.38 -25.11 -8.65
C ALA D 12 28.40 -25.96 -7.90
N ARG D 13 29.69 -25.71 -8.12
CA ARG D 13 30.70 -26.46 -7.39
C ARG D 13 30.68 -26.10 -5.90
N LYS D 14 30.40 -24.83 -5.59
CA LYS D 14 30.20 -24.46 -4.20
C LYS D 14 28.85 -24.91 -3.66
N LEU D 15 27.84 -24.94 -4.53
CA LEU D 15 26.52 -25.42 -4.12
C LEU D 15 26.56 -26.88 -3.73
N VAL D 16 27.29 -27.71 -4.46
CA VAL D 16 27.38 -29.13 -4.12
C VAL D 16 28.14 -29.31 -2.81
N GLU D 17 29.14 -28.47 -2.55
CA GLU D 17 29.83 -28.54 -1.27
C GLU D 17 28.90 -28.15 -0.13
N GLN D 18 28.08 -27.12 -0.34
CA GLN D 18 27.10 -26.73 0.68
C GLN D 18 26.09 -27.85 0.93
N LEU D 19 25.59 -28.46 -0.14
CA LEU D 19 24.61 -29.53 0.00
C LEU D 19 25.22 -30.79 0.61
N LYS D 20 26.53 -30.97 0.44
CA LYS D 20 27.19 -32.14 1.02
C LYS D 20 27.17 -32.07 2.54
N MET D 21 27.35 -30.88 3.11
CA MET D 21 27.31 -30.73 4.56
C MET D 21 25.94 -31.11 5.11
N GLU D 22 24.88 -30.73 4.41
CA GLU D 22 23.52 -31.08 4.81
C GLU D 22 23.08 -32.43 4.26
N ALA D 23 23.93 -33.13 3.52
CA ALA D 23 23.60 -34.45 3.00
C ALA D 23 23.97 -35.57 3.97
N ASN D 24 24.66 -35.26 5.06
CA ASN D 24 25.08 -36.26 6.04
C ASN D 24 24.40 -36.06 7.40
N ILE D 25 23.24 -35.42 7.42
CA ILE D 25 22.55 -35.13 8.67
C ILE D 25 21.97 -36.43 9.24
N ASP D 26 21.60 -36.40 10.51
CA ASP D 26 20.99 -37.52 11.22
C ASP D 26 19.67 -37.10 11.83
N ARG D 27 18.84 -36.44 11.03
CA ARG D 27 17.57 -35.86 11.49
C ARG D 27 16.65 -36.91 12.13
N ILE D 28 15.74 -36.45 12.97
CA ILE D 28 14.79 -37.32 13.65
C ILE D 28 13.40 -37.14 13.04
N LYS D 29 12.54 -38.12 13.28
CA LYS D 29 11.19 -38.09 12.73
C LYS D 29 10.38 -36.98 13.38
N VAL D 30 9.31 -36.58 12.69
CA VAL D 30 8.51 -35.45 13.15
C VAL D 30 7.68 -35.80 14.38
N SER D 31 7.40 -37.09 14.58
CA SER D 31 6.62 -37.48 15.75
C SER D 31 7.37 -37.15 17.03
N LYS D 32 8.61 -37.62 17.14
CA LYS D 32 9.40 -37.35 18.34
C LYS D 32 9.70 -35.87 18.48
N ALA D 33 10.03 -35.19 17.38
CA ALA D 33 10.36 -33.77 17.44
C ALA D 33 9.17 -32.95 17.92
N ALA D 34 7.99 -33.18 17.32
CA ALA D 34 6.81 -32.44 17.72
C ALA D 34 6.41 -32.75 19.16
N ALA D 35 6.47 -34.03 19.55
CA ALA D 35 6.13 -34.39 20.92
C ALA D 35 7.05 -33.70 21.91
N ASP D 36 8.36 -33.75 21.66
CA ASP D 36 9.31 -33.11 22.55
C ASP D 36 9.08 -31.61 22.62
N LEU D 37 8.88 -30.97 21.46
CA LEU D 37 8.67 -29.53 21.45
C LEU D 37 7.43 -29.15 22.27
N MET D 38 6.30 -29.78 21.96
CA MET D 38 5.06 -29.42 22.65
C MET D 38 5.17 -29.69 24.14
N ALA D 39 5.62 -30.89 24.52
CA ALA D 39 5.68 -31.24 25.92
C ALA D 39 6.62 -30.33 26.70
N TYR D 40 7.84 -30.12 26.18
CA TYR D 40 8.81 -29.31 26.89
C TYR D 40 8.34 -27.88 27.01
N CYS D 41 7.91 -27.27 25.91
CA CYS D 41 7.56 -25.85 25.93
C CYS D 41 6.15 -25.59 26.44
N GLU D 42 5.41 -26.63 26.81
CA GLU D 42 4.23 -26.45 27.65
C GLU D 42 4.51 -26.75 29.11
N ALA D 43 5.56 -27.52 29.41
CA ALA D 43 5.92 -27.77 30.79
C ALA D 43 6.54 -26.54 31.45
N HIS D 44 7.45 -25.86 30.76
CA HIS D 44 8.03 -24.62 31.26
C HIS D 44 7.22 -23.41 30.78
N ALA D 45 5.91 -23.49 30.98
CA ALA D 45 4.99 -22.46 30.48
C ALA D 45 4.21 -21.79 31.59
N LYS D 46 4.45 -22.13 32.85
CA LYS D 46 3.73 -21.48 33.94
C LYS D 46 4.50 -20.26 34.43
N GLU D 47 4.95 -19.42 33.50
CA GLU D 47 5.54 -18.14 33.86
C GLU D 47 5.00 -17.04 32.96
N ASP D 48 4.72 -17.38 31.70
CA ASP D 48 4.38 -16.41 30.66
C ASP D 48 3.25 -15.51 31.09
N PRO D 49 3.50 -14.22 31.24
CA PRO D 49 2.43 -13.27 31.57
C PRO D 49 1.81 -12.64 30.34
N LEU D 50 2.41 -12.87 29.17
CA LEU D 50 1.75 -12.47 27.93
C LEU D 50 0.45 -13.24 27.75
N LEU D 51 0.52 -14.58 27.83
CA LEU D 51 -0.65 -15.38 28.09
C LEU D 51 -0.93 -15.38 29.59
N THR D 52 -2.12 -15.84 29.96
CA THR D 52 -2.58 -15.78 31.34
C THR D 52 -2.38 -14.36 31.89
N PRO D 53 -3.05 -13.36 31.32
CA PRO D 53 -2.70 -11.96 31.62
C PRO D 53 -2.97 -11.61 33.07
N VAL D 54 -2.23 -10.59 33.53
CA VAL D 54 -2.33 -10.07 34.90
C VAL D 54 -2.15 -11.21 35.90
N PRO D 55 -0.92 -11.71 36.08
CA PRO D 55 -0.72 -12.78 37.07
C PRO D 55 -1.16 -12.38 38.47
N ALA D 56 -0.99 -11.12 38.83
CA ALA D 56 -1.44 -10.58 40.11
C ALA D 56 -1.54 -9.06 39.95
N SER D 57 -1.73 -8.36 41.08
CA SER D 57 -1.71 -6.90 41.05
C SER D 57 -0.33 -6.35 40.69
N GLU D 58 0.70 -7.19 40.74
CA GLU D 58 2.09 -6.82 40.48
C GLU D 58 2.43 -6.78 38.99
N ASN D 59 1.46 -6.40 38.17
CA ASN D 59 1.70 -6.20 36.75
C ASN D 59 2.47 -4.90 36.54
N PRO D 60 3.73 -4.97 36.14
CA PRO D 60 4.59 -3.77 36.20
C PRO D 60 4.16 -2.66 35.26
N PHE D 61 3.52 -2.98 34.13
CA PHE D 61 3.11 -1.96 33.19
C PHE D 61 1.71 -1.41 33.48
N ARG D 62 0.99 -1.99 34.42
CA ARG D 62 -0.34 -1.51 34.78
C ARG D 62 -0.69 -1.87 36.23
N GLU E 38 -52.29 26.47 17.49
CA GLU E 38 -52.36 26.19 16.06
C GLU E 38 -51.22 25.27 15.62
N VAL E 39 -51.04 25.15 14.31
CA VAL E 39 -50.06 24.21 13.77
C VAL E 39 -48.68 24.83 13.55
N TRP E 40 -48.59 26.15 13.47
CA TRP E 40 -47.28 26.78 13.24
C TRP E 40 -46.34 26.53 14.41
N VAL E 41 -46.84 26.68 15.63
CA VAL E 41 -46.01 26.53 16.82
C VAL E 41 -45.53 25.09 16.96
N VAL E 42 -46.43 24.13 16.79
CA VAL E 42 -46.04 22.73 16.91
C VAL E 42 -45.09 22.35 15.77
N GLY E 43 -45.33 22.89 14.57
CA GLY E 43 -44.45 22.59 13.45
C GLY E 43 -43.04 23.10 13.67
N MET E 44 -42.92 24.30 14.26
CA MET E 44 -41.59 24.80 14.60
C MET E 44 -40.97 24.01 15.75
N GLY E 45 -41.79 23.54 16.68
CA GLY E 45 -41.26 22.84 17.85
C GLY E 45 -40.52 21.56 17.52
N ILE E 46 -40.85 20.92 16.40
CA ILE E 46 -40.15 19.71 16.01
C ILE E 46 -38.90 20.03 15.20
N VAL E 47 -38.97 21.01 14.30
CA VAL E 47 -37.81 21.32 13.47
C VAL E 47 -36.71 21.97 14.28
N MET E 48 -37.04 22.79 15.28
CA MET E 48 -36.00 23.34 16.15
C MET E 48 -35.29 22.22 16.91
N SER E 49 -36.05 21.26 17.44
CA SER E 49 -35.44 20.13 18.13
C SER E 49 -34.57 19.31 17.19
N LEU E 50 -35.06 19.06 15.98
CA LEU E 50 -34.27 18.30 15.01
C LEU E 50 -32.96 19.01 14.69
N ILE E 51 -33.01 20.33 14.50
CA ILE E 51 -31.81 21.06 14.13
C ILE E 51 -30.82 21.10 15.28
N VAL E 52 -31.30 21.24 16.52
CA VAL E 52 -30.37 21.29 17.65
C VAL E 52 -29.74 19.93 17.88
N LEU E 53 -30.52 18.85 17.80
CA LEU E 53 -29.91 17.53 17.93
C LEU E 53 -28.93 17.26 16.79
N ALA E 54 -29.24 17.70 15.58
CA ALA E 54 -28.34 17.48 14.45
C ALA E 54 -27.01 18.19 14.66
N ILE E 55 -27.06 19.48 15.02
CA ILE E 55 -25.81 20.22 15.17
C ILE E 55 -24.99 19.66 16.34
N VAL E 56 -25.65 19.37 17.47
CA VAL E 56 -24.93 18.84 18.63
C VAL E 56 -24.29 17.51 18.29
N PHE E 57 -25.06 16.61 17.66
CA PHE E 57 -24.53 15.29 17.34
C PHE E 57 -23.39 15.36 16.35
N GLY E 58 -23.51 16.20 15.32
CA GLY E 58 -22.44 16.32 14.36
C GLY E 58 -21.15 16.84 14.97
N ASN E 59 -21.26 17.90 15.76
CA ASN E 59 -20.06 18.47 16.38
C ASN E 59 -19.44 17.51 17.37
N VAL E 60 -20.26 16.84 18.19
CA VAL E 60 -19.71 15.90 19.17
C VAL E 60 -19.11 14.70 18.46
N LEU E 61 -19.70 14.27 17.35
CA LEU E 61 -19.14 13.14 16.59
C LEU E 61 -17.77 13.50 16.02
N VAL E 62 -17.63 14.71 15.47
CA VAL E 62 -16.32 15.09 14.94
C VAL E 62 -15.32 15.27 16.08
N ILE E 63 -15.75 15.76 17.23
CA ILE E 63 -14.82 15.93 18.36
C ILE E 63 -14.36 14.58 18.87
N THR E 64 -15.25 13.59 18.93
CA THR E 64 -14.85 12.26 19.36
C THR E 64 -13.99 11.57 18.32
N ALA E 65 -14.25 11.82 17.03
CA ALA E 65 -13.39 11.27 15.99
C ALA E 65 -11.98 11.83 16.09
N ILE E 66 -11.86 13.14 16.40
CA ILE E 66 -10.56 13.73 16.60
C ILE E 66 -9.88 13.13 17.83
N ALA E 67 -10.64 12.96 18.92
CA ALA E 67 -10.03 12.51 20.18
C ALA E 67 -9.65 11.04 20.16
N LYS E 68 -10.34 10.23 19.36
CA LYS E 68 -10.13 8.78 19.44
C LYS E 68 -8.81 8.37 18.82
N PHE E 69 -8.62 8.62 17.53
CA PHE E 69 -7.44 8.15 16.82
C PHE E 69 -6.31 9.16 16.95
N GLU E 70 -5.11 8.65 17.24
CA GLU E 70 -3.94 9.51 17.33
C GLU E 70 -3.57 10.09 15.96
N ARG E 71 -3.90 9.36 14.89
CA ARG E 71 -3.59 9.82 13.54
C ARG E 71 -4.39 11.05 13.14
N LEU E 72 -5.44 11.40 13.89
CA LEU E 72 -6.26 12.56 13.57
C LEU E 72 -5.71 13.86 14.14
N GLN E 73 -4.61 13.80 14.88
CA GLN E 73 -3.99 15.02 15.43
C GLN E 73 -3.08 15.61 14.36
N THR E 74 -3.46 16.78 13.85
CA THR E 74 -2.72 17.46 12.80
C THR E 74 -2.77 18.97 13.06
N VAL E 75 -1.87 19.71 12.40
CA VAL E 75 -1.80 21.14 12.61
C VAL E 75 -3.09 21.81 12.17
N THR E 76 -3.65 21.40 11.03
CA THR E 76 -4.95 21.93 10.61
C THR E 76 -6.09 21.28 11.39
N ASN E 77 -5.89 20.06 11.88
CA ASN E 77 -6.91 19.44 12.71
C ASN E 77 -7.07 20.15 14.04
N TYR E 78 -6.05 20.87 14.51
CA TYR E 78 -6.23 21.71 15.68
C TYR E 78 -7.25 22.82 15.41
N PHE E 79 -7.14 23.48 14.24
CA PHE E 79 -8.12 24.49 13.88
C PHE E 79 -9.50 23.88 13.69
N ILE E 80 -9.56 22.69 13.09
CA ILE E 80 -10.84 22.01 12.91
C ILE E 80 -11.47 21.70 14.26
N THR E 81 -10.67 21.23 15.22
CA THR E 81 -11.18 20.94 16.56
C THR E 81 -11.65 22.20 17.27
N SER E 82 -10.91 23.31 17.12
CA SER E 82 -11.35 24.55 17.73
C SER E 82 -12.67 25.02 17.13
N LEU E 83 -12.81 24.91 15.81
CA LEU E 83 -14.07 25.26 15.17
C LEU E 83 -15.20 24.36 15.65
N ALA E 84 -14.92 23.07 15.79
CA ALA E 84 -15.94 22.14 16.26
C ALA E 84 -16.39 22.49 17.67
N CYS E 85 -15.44 22.82 18.54
CA CYS E 85 -15.81 23.21 19.91
C CYS E 85 -16.63 24.49 19.91
N ALA E 86 -16.23 25.47 19.08
CA ALA E 86 -16.97 26.74 19.02
C ALA E 86 -18.40 26.52 18.54
N ASP E 87 -18.58 25.69 17.51
CA ASP E 87 -19.90 25.42 16.97
C ASP E 87 -20.68 24.41 17.80
N LEU E 88 -20.01 23.72 18.72
CA LEU E 88 -20.63 22.71 19.57
C LEU E 88 -21.17 23.32 20.86
N VAL E 89 -20.40 24.20 21.50
CA VAL E 89 -20.84 24.84 22.73
C VAL E 89 -22.16 25.57 22.50
N MET E 90 -22.28 26.25 21.37
CA MET E 90 -23.54 26.88 21.02
C MET E 90 -24.66 25.86 20.91
N GLY E 91 -24.39 24.69 20.35
CA GLY E 91 -25.44 23.70 20.16
C GLY E 91 -26.17 23.35 21.45
N LEU E 92 -25.46 23.32 22.57
CA LEU E 92 -26.10 22.99 23.83
C LEU E 92 -26.44 24.19 24.70
N ALA E 93 -25.80 25.34 24.50
CA ALA E 93 -26.05 26.45 25.41
C ALA E 93 -26.68 27.67 24.77
N VAL E 94 -27.04 27.62 23.48
CA VAL E 94 -27.65 28.76 22.81
C VAL E 94 -28.91 28.32 22.10
N VAL E 95 -28.78 27.30 21.25
CA VAL E 95 -29.92 26.84 20.45
C VAL E 95 -31.11 26.43 21.31
N PRO E 96 -30.94 25.60 22.36
CA PRO E 96 -32.11 25.29 23.19
C PRO E 96 -32.73 26.51 23.86
N PHE E 97 -31.92 27.45 24.35
CA PHE E 97 -32.48 28.61 25.01
C PHE E 97 -33.17 29.53 24.02
N GLY E 98 -32.59 29.72 22.83
CA GLY E 98 -33.25 30.50 21.81
C GLY E 98 -34.54 29.86 21.35
N ALA E 99 -34.55 28.52 21.22
CA ALA E 99 -35.77 27.83 20.86
C ALA E 99 -36.82 28.00 21.94
N ALA E 100 -36.41 27.97 23.21
CA ALA E 100 -37.36 28.21 24.29
C ALA E 100 -37.94 29.60 24.20
N HIS E 101 -37.11 30.60 23.89
CA HIS E 101 -37.60 31.97 23.75
C HIS E 101 -38.59 32.08 22.62
N ILE E 102 -38.27 31.48 21.47
CA ILE E 102 -39.17 31.56 20.32
C ILE E 102 -40.48 30.86 20.62
N LEU E 103 -40.42 29.68 21.23
CA LEU E 103 -41.63 28.92 21.52
C LEU E 103 -42.50 29.67 22.52
N MET E 104 -41.90 30.25 23.57
CA MET E 104 -42.62 31.03 24.56
C MET E 104 -41.82 32.32 24.77
N LYS E 105 -42.20 33.36 24.04
CA LYS E 105 -41.50 34.63 24.13
C LYS E 105 -41.77 35.31 25.46
N MET E 106 -41.25 34.71 26.53
CA MET E 106 -41.27 35.34 27.85
C MET E 106 -40.08 34.75 28.61
N TRP E 107 -38.96 35.46 28.61
CA TRP E 107 -37.70 34.96 29.14
C TRP E 107 -37.79 34.96 30.66
N THR E 108 -38.10 33.79 31.23
CA THR E 108 -38.21 33.63 32.67
C THR E 108 -36.90 33.24 33.33
N PHE E 109 -35.85 32.95 32.54
CA PHE E 109 -34.57 32.58 33.12
C PHE E 109 -33.97 33.74 33.93
N GLY E 110 -34.37 34.96 33.63
CA GLY E 110 -33.93 36.11 34.40
C GLY E 110 -33.20 37.12 33.53
N ASN E 111 -33.01 38.31 34.12
CA ASN E 111 -32.33 39.39 33.42
C ASN E 111 -30.83 39.20 33.34
N PHE E 112 -30.25 38.38 34.23
CA PHE E 112 -28.82 38.10 34.14
C PHE E 112 -28.52 36.97 33.18
N TRP E 113 -29.35 35.93 33.16
CA TRP E 113 -29.12 34.85 32.21
C TRP E 113 -29.52 35.24 30.79
N CYS E 114 -30.42 36.21 30.62
CA CYS E 114 -30.61 36.81 29.31
C CYS E 114 -29.28 37.38 28.78
N GLU E 115 -28.62 38.19 29.61
CA GLU E 115 -27.36 38.79 29.20
C GLU E 115 -26.29 37.73 28.96
N PHE E 116 -26.21 36.73 29.84
CA PHE E 116 -25.22 35.68 29.67
C PHE E 116 -25.47 34.89 28.38
N TRP E 117 -26.74 34.58 28.09
CA TRP E 117 -27.06 33.83 26.89
C TRP E 117 -26.73 34.64 25.64
N THR E 118 -27.04 35.93 25.65
CA THR E 118 -26.67 36.77 24.51
C THR E 118 -25.16 36.80 24.34
N SER E 119 -24.42 36.88 25.46
CA SER E 119 -22.97 36.93 25.39
C SER E 119 -22.41 35.65 24.76
N ILE E 120 -22.90 34.49 25.19
CA ILE E 120 -22.34 33.26 24.64
C ILE E 120 -22.82 33.06 23.21
N ASP E 121 -24.00 33.56 22.87
CA ASP E 121 -24.44 33.58 21.48
C ASP E 121 -23.43 34.30 20.60
N VAL E 122 -23.10 35.55 20.97
CA VAL E 122 -22.17 36.34 20.18
C VAL E 122 -20.80 35.68 20.15
N LEU E 123 -20.35 35.17 21.29
CA LEU E 123 -19.05 34.51 21.34
C LEU E 123 -18.99 33.30 20.42
N CYS E 124 -20.00 32.44 20.46
CA CYS E 124 -19.98 31.23 19.67
C CYS E 124 -20.02 31.53 18.18
N VAL E 125 -20.89 32.46 17.76
CA VAL E 125 -20.98 32.75 16.32
C VAL E 125 -19.71 33.45 15.84
N THR E 126 -19.19 34.39 16.62
CA THR E 126 -17.97 35.09 16.22
C THR E 126 -16.80 34.13 16.16
N ALA E 127 -16.69 33.23 17.13
CA ALA E 127 -15.62 32.24 17.11
C ALA E 127 -15.75 31.32 15.91
N SER E 128 -16.98 30.93 15.57
CA SER E 128 -17.17 30.08 14.40
C SER E 128 -16.70 30.78 13.13
N ILE E 129 -17.12 32.04 12.93
CA ILE E 129 -16.74 32.75 11.71
C ILE E 129 -15.23 32.97 11.67
N GLU E 130 -14.64 33.39 12.79
CA GLU E 130 -13.21 33.67 12.80
C GLU E 130 -12.40 32.40 12.65
N THR E 131 -12.90 31.26 13.11
CA THR E 131 -12.19 30.01 12.90
C THR E 131 -12.32 29.54 11.46
N LEU E 132 -13.47 29.80 10.82
CA LEU E 132 -13.54 29.60 9.38
C LEU E 132 -12.48 30.42 8.67
N CYS E 133 -12.33 31.69 9.06
CA CYS E 133 -11.31 32.54 8.48
C CYS E 133 -9.90 31.99 8.73
N VAL E 134 -9.65 31.50 9.94
CA VAL E 134 -8.32 30.99 10.28
C VAL E 134 -8.00 29.73 9.48
N ILE E 135 -8.97 28.82 9.34
CA ILE E 135 -8.73 27.63 8.55
C ILE E 135 -8.50 28.01 7.09
N ALA E 136 -9.27 28.98 6.59
CA ALA E 136 -9.06 29.43 5.21
C ALA E 136 -7.65 30.00 5.03
N VAL E 137 -7.21 30.85 5.95
CA VAL E 137 -5.89 31.46 5.78
C VAL E 137 -4.79 30.41 5.97
N ASP E 138 -5.05 29.38 6.78
CA ASP E 138 -4.10 28.28 6.89
C ASP E 138 -3.96 27.54 5.58
N ARG E 139 -5.09 27.25 4.93
CA ARG E 139 -5.03 26.60 3.62
C ARG E 139 -4.43 27.51 2.56
N TYR E 140 -4.56 28.83 2.74
CA TYR E 140 -3.91 29.77 1.83
C TYR E 140 -2.40 29.76 2.00
N PHE E 141 -1.92 29.75 3.24
CA PHE E 141 -0.49 29.70 3.49
C PHE E 141 0.10 28.36 3.04
N ALA E 142 -0.68 27.29 3.12
CA ALA E 142 -0.19 25.99 2.68
C ALA E 142 -0.05 25.89 1.18
N ILE E 143 -0.55 26.86 0.41
CA ILE E 143 -0.43 26.87 -1.04
C ILE E 143 0.51 27.96 -1.52
N THR E 144 0.37 29.18 -0.97
CA THR E 144 1.23 30.28 -1.39
C THR E 144 2.64 30.12 -0.86
N SER E 145 2.80 29.55 0.34
CA SER E 145 4.10 29.36 0.97
C SER E 145 4.25 27.88 1.33
N PRO E 146 4.46 27.03 0.33
CA PRO E 146 4.49 25.59 0.61
C PRO E 146 5.73 25.15 1.37
N PHE E 147 6.90 25.68 1.01
CA PHE E 147 8.14 25.31 1.69
C PHE E 147 8.27 25.95 3.06
N LYS E 148 7.47 26.98 3.34
CA LYS E 148 7.51 27.65 4.63
C LYS E 148 6.36 27.24 5.55
N TYR E 149 5.35 26.56 5.02
CA TYR E 149 4.16 26.24 5.81
C TYR E 149 4.50 25.36 7.01
N GLN E 150 5.28 24.30 6.79
CA GLN E 150 5.55 23.34 7.86
C GLN E 150 6.33 23.98 8.98
N SER E 151 7.27 24.85 8.69
CA SER E 151 8.00 25.34 9.87
C SER E 151 7.40 26.67 10.33
N LEU E 152 6.43 27.23 9.62
CA LEU E 152 5.76 28.41 10.13
C LEU E 152 4.59 28.08 11.03
N LEU E 153 3.75 27.11 10.66
CA LEU E 153 2.58 26.74 11.45
C LEU E 153 2.88 25.43 12.17
N THR E 154 3.43 25.54 13.38
CA THR E 154 3.70 24.40 14.23
C THR E 154 2.62 24.29 15.31
N LYS E 155 2.80 23.34 16.22
CA LYS E 155 1.81 23.15 17.28
C LYS E 155 1.72 24.37 18.20
N ASN E 156 2.87 24.94 18.57
CA ASN E 156 2.85 26.12 19.43
C ASN E 156 2.21 27.31 18.72
N LYS E 157 2.58 27.52 17.45
CA LYS E 157 2.00 28.64 16.70
C LYS E 157 0.50 28.46 16.50
N ALA E 158 0.06 27.23 16.21
CA ALA E 158 -1.36 26.97 16.05
C ALA E 158 -2.12 27.24 17.33
N ARG E 159 -1.58 26.80 18.47
CA ARG E 159 -2.24 27.05 19.75
C ARG E 159 -2.29 28.54 20.06
N VAL E 160 -1.21 29.27 19.77
CA VAL E 160 -1.20 30.71 20.01
C VAL E 160 -2.24 31.40 19.14
N ILE E 161 -2.34 31.01 17.87
CA ILE E 161 -3.31 31.62 16.96
C ILE E 161 -4.73 31.33 17.44
N ILE E 162 -5.00 30.07 17.83
CA ILE E 162 -6.34 29.71 18.28
C ILE E 162 -6.72 30.48 19.54
N LEU E 163 -5.79 30.57 20.48
CA LEU E 163 -6.07 31.33 21.71
C LEU E 163 -6.29 32.80 21.39
N MET E 164 -5.69 33.25 20.31
CA MET E 164 -5.74 34.70 20.08
C MET E 164 -7.05 34.99 19.41
N VAL E 165 -7.52 34.09 18.58
CA VAL E 165 -8.84 34.23 17.97
C VAL E 165 -9.94 34.11 19.02
N TRP E 166 -9.83 33.11 19.90
CA TRP E 166 -10.84 32.91 20.91
C TRP E 166 -10.89 34.08 21.89
N ILE E 167 -9.74 34.65 22.25
CA ILE E 167 -9.74 35.77 23.18
C ILE E 167 -10.27 37.03 22.51
N VAL E 168 -10.07 37.18 21.19
CA VAL E 168 -10.70 38.30 20.50
C VAL E 168 -12.21 38.14 20.50
N SER E 169 -12.70 36.93 20.22
CA SER E 169 -14.13 36.68 20.28
C SER E 169 -14.67 36.98 21.68
N GLY E 170 -13.96 36.56 22.71
CA GLY E 170 -14.36 36.87 24.07
C GLY E 170 -14.38 38.36 24.34
N LEU E 171 -13.35 39.08 23.92
CA LEU E 171 -13.27 40.52 24.14
C LEU E 171 -14.39 41.26 23.44
N THR E 172 -15.12 40.68 22.46
CA THR E 172 -16.33 41.44 21.84
C THR E 172 -17.66 40.79 22.04
N SER E 173 -17.66 39.69 22.79
CA SER E 173 -18.94 39.01 23.09
C SER E 173 -19.25 39.15 24.57
N PHE E 174 -18.29 38.81 25.43
CA PHE E 174 -18.68 38.84 26.84
C PHE E 174 -18.33 40.13 27.52
N LEU E 175 -17.32 40.92 27.16
CA LEU E 175 -17.12 42.22 27.81
C LEU E 175 -18.26 43.20 27.54
N PRO E 176 -18.66 43.46 26.29
CA PRO E 176 -19.70 44.48 26.07
C PRO E 176 -21.05 44.05 26.64
N ILE E 177 -21.49 42.85 26.28
CA ILE E 177 -22.83 42.40 26.65
C ILE E 177 -22.96 42.30 28.16
N GLN E 178 -21.97 41.70 28.83
CA GLN E 178 -22.04 41.53 30.27
C GLN E 178 -21.67 42.78 31.04
N MET E 179 -21.04 43.77 30.40
CA MET E 179 -20.70 45.02 31.07
C MET E 179 -21.48 46.20 30.49
N HIS E 180 -22.42 45.93 29.59
CA HIS E 180 -23.43 46.90 29.16
C HIS E 180 -22.81 48.11 28.47
N TRP E 181 -22.08 47.83 27.40
CA TRP E 181 -21.71 48.87 26.43
C TRP E 181 -22.60 48.83 25.19
N TYR E 182 -23.60 47.95 25.18
CA TYR E 182 -24.47 47.79 24.01
C TYR E 182 -25.87 48.32 24.27
N ARG E 183 -26.03 49.19 25.27
CA ARG E 183 -27.32 49.77 25.61
C ARG E 183 -28.35 48.69 25.95
N GLN E 187 -33.28 53.44 23.77
CA GLN E 187 -34.27 54.27 24.42
C GLN E 187 -35.60 53.52 24.56
N GLU E 188 -36.04 52.91 23.46
CA GLU E 188 -37.28 52.13 23.50
C GLU E 188 -37.11 50.86 24.33
N ALA E 189 -35.88 50.37 24.46
CA ALA E 189 -35.60 49.16 25.23
C ALA E 189 -35.17 49.46 26.67
N ILE E 190 -35.16 50.73 27.06
CA ILE E 190 -34.79 51.08 28.43
C ILE E 190 -35.77 50.45 29.41
N ASN E 191 -37.06 50.51 29.12
CA ASN E 191 -38.04 49.86 29.98
C ASN E 191 -37.97 48.35 29.86
N CYS E 192 -37.65 47.82 28.68
CA CYS E 192 -37.62 46.36 28.52
C CYS E 192 -36.50 45.75 29.34
N TYR E 193 -35.28 46.28 29.21
CA TYR E 193 -34.16 45.74 29.97
C TYR E 193 -34.42 45.82 31.47
N ALA E 194 -35.21 46.79 31.92
CA ALA E 194 -35.57 46.85 33.33
C ALA E 194 -36.64 45.81 33.68
N ASN E 195 -37.39 45.40 32.64
CA ASN E 195 -38.53 44.46 32.83
C ASN E 195 -38.00 43.06 32.78
N GLU E 196 -38.16 42.32 33.87
CA GLU E 196 -37.45 41.04 33.91
C GLU E 196 -38.24 39.93 33.24
N THR E 197 -38.74 40.19 32.06
CA THR E 197 -39.32 39.13 31.24
C THR E 197 -38.80 39.14 29.82
N CYS E 198 -38.54 40.31 29.25
CA CYS E 198 -38.21 40.43 27.83
C CYS E 198 -36.71 40.44 27.64
N CYS E 199 -36.24 39.59 26.72
CA CYS E 199 -34.83 39.56 26.32
C CYS E 199 -34.82 39.78 24.82
N ASP E 200 -34.87 41.06 24.42
CA ASP E 200 -34.90 41.45 23.01
C ASP E 200 -33.62 42.20 22.69
N PHE E 201 -32.95 41.79 21.63
CA PHE E 201 -31.63 42.31 21.30
C PHE E 201 -31.76 43.70 20.70
N PHE E 202 -31.63 44.72 21.54
CA PHE E 202 -31.63 46.11 21.09
C PHE E 202 -30.22 46.67 21.30
N THR E 203 -29.37 46.45 20.32
CA THR E 203 -28.00 46.92 20.39
C THR E 203 -27.88 48.29 19.74
N ASN E 204 -27.10 49.17 20.37
CA ASN E 204 -26.91 50.49 19.80
C ASN E 204 -26.09 50.41 18.52
N GLN E 205 -26.11 51.50 17.76
CA GLN E 205 -25.48 51.51 16.45
C GLN E 205 -23.99 51.22 16.54
N ALA E 206 -23.33 51.80 17.55
CA ALA E 206 -21.89 51.62 17.69
C ALA E 206 -21.52 50.17 17.86
N TYR E 207 -22.15 49.48 18.83
CA TYR E 207 -21.83 48.08 19.04
C TYR E 207 -22.28 47.23 17.87
N ALA E 208 -23.39 47.59 17.23
CA ALA E 208 -23.86 46.82 16.09
C ALA E 208 -22.83 46.83 14.97
N ILE E 209 -22.36 48.02 14.59
CA ILE E 209 -21.36 48.12 13.54
C ILE E 209 -20.07 47.44 13.96
N ALA E 210 -19.62 47.69 15.19
CA ALA E 210 -18.36 47.12 15.64
C ALA E 210 -18.40 45.60 15.62
N SER E 211 -19.47 45.01 16.17
CA SER E 211 -19.56 43.56 16.23
C SER E 211 -19.74 42.95 14.84
N SER E 212 -20.52 43.59 13.97
CA SER E 212 -20.68 43.06 12.62
C SER E 212 -19.34 43.03 11.88
N ILE E 213 -18.63 44.17 11.85
CA ILE E 213 -17.38 44.19 11.12
C ILE E 213 -16.32 43.31 11.78
N VAL E 214 -16.32 43.18 13.10
CA VAL E 214 -15.34 42.33 13.75
C VAL E 214 -15.63 40.85 13.47
N SER E 215 -16.90 40.47 13.52
CA SER E 215 -17.23 39.05 13.51
C SER E 215 -17.32 38.49 12.09
N PHE E 216 -17.99 39.20 11.18
CA PHE E 216 -18.33 38.61 9.90
C PHE E 216 -17.66 39.28 8.72
N TYR E 217 -17.76 40.60 8.59
CA TYR E 217 -17.34 41.25 7.35
C TYR E 217 -15.83 41.19 7.16
N VAL E 218 -15.05 41.45 8.20
CA VAL E 218 -13.59 41.31 8.09
C VAL E 218 -13.19 39.87 7.80
N PRO E 219 -13.68 38.86 8.51
CA PRO E 219 -13.39 37.48 8.08
C PRO E 219 -13.91 37.17 6.68
N LEU E 220 -15.02 37.77 6.27
CA LEU E 220 -15.50 37.55 4.91
C LEU E 220 -14.51 38.09 3.89
N VAL E 221 -13.97 39.28 4.12
CA VAL E 221 -12.98 39.85 3.21
C VAL E 221 -11.73 38.99 3.18
N ILE E 222 -11.26 38.57 4.36
CA ILE E 222 -10.05 37.75 4.44
C ILE E 222 -10.26 36.45 3.69
N MET E 223 -11.40 35.80 3.90
CA MET E 223 -11.67 34.52 3.25
C MET E 223 -11.87 34.67 1.75
N VAL E 224 -12.45 35.79 1.32
CA VAL E 224 -12.59 36.04 -0.11
C VAL E 224 -11.22 36.17 -0.77
N PHE E 225 -10.33 36.95 -0.17
CA PHE E 225 -8.98 37.08 -0.73
C PHE E 225 -8.24 35.75 -0.72
N VAL E 226 -8.34 35.02 0.40
CA VAL E 226 -7.69 33.72 0.52
C VAL E 226 -8.14 32.78 -0.59
N TYR E 227 -9.45 32.67 -0.79
CA TYR E 227 -9.95 31.72 -1.75
C TYR E 227 -9.76 32.18 -3.18
N SER E 228 -9.72 33.49 -3.44
CA SER E 228 -9.30 33.95 -4.75
C SER E 228 -7.87 33.51 -5.06
N ARG E 229 -6.98 33.66 -4.07
CA ARG E 229 -5.58 33.25 -4.28
C ARG E 229 -5.48 31.74 -4.51
N VAL E 230 -6.18 30.94 -3.71
CA VAL E 230 -6.05 29.49 -3.87
C VAL E 230 -6.73 29.02 -5.15
N PHE E 231 -7.80 29.69 -5.59
CA PHE E 231 -8.41 29.36 -6.86
C PHE E 231 -7.46 29.67 -8.01
N GLN E 232 -6.76 30.80 -7.94
CA GLN E 232 -5.77 31.11 -8.96
C GLN E 232 -4.66 30.07 -9.00
N GLU E 233 -4.19 29.64 -7.83
CA GLU E 233 -3.14 28.62 -7.78
C GLU E 233 -3.64 27.29 -8.34
N ALA E 234 -4.88 26.92 -8.02
CA ALA E 234 -5.43 25.68 -8.56
C ALA E 234 -5.58 25.76 -10.07
N LYS E 235 -5.99 26.91 -10.59
CA LYS E 235 -6.07 27.09 -12.03
C LYS E 235 -4.69 26.95 -12.67
N ARG E 236 -3.66 27.54 -12.05
CA ARG E 236 -2.32 27.43 -12.61
C ARG E 236 -1.84 25.98 -12.60
N GLN E 237 -2.11 25.25 -11.51
CA GLN E 237 -1.70 23.84 -11.45
C GLN E 237 -2.43 23.01 -12.49
N LEU E 238 -3.73 23.27 -12.69
CA LEU E 238 -4.46 22.56 -13.72
C LEU E 238 -3.91 22.87 -15.11
N GLN E 239 -3.53 24.13 -15.34
CA GLN E 239 -2.93 24.49 -16.62
C GLN E 239 -1.61 23.78 -16.84
N LYS E 240 -0.79 23.70 -15.79
CA LYS E 240 0.49 22.98 -15.91
C LYS E 240 0.26 21.50 -16.20
N ILE E 241 -0.70 20.88 -15.52
CA ILE E 241 -1.01 19.48 -15.77
C ILE E 241 -1.50 19.29 -17.20
N ASP E 242 -2.37 20.18 -17.67
CA ASP E 242 -2.88 20.06 -19.03
C ASP E 242 -1.78 20.23 -20.06
N LYS E 243 -0.83 21.13 -19.80
CA LYS E 243 0.26 21.33 -20.75
C LYS E 243 1.20 20.15 -20.77
N SER E 244 1.53 19.59 -19.61
CA SER E 244 2.53 18.53 -19.54
C SER E 244 1.93 17.18 -19.89
N GLU E 245 0.97 16.72 -19.10
CA GLU E 245 0.38 15.39 -19.21
C GLU E 245 -1.02 15.42 -19.80
N GLY E 246 -1.25 16.35 -20.73
CA GLY E 246 -2.58 16.51 -21.29
C GLY E 246 -2.85 15.65 -22.51
N ARG E 247 -3.51 14.52 -22.30
CA ARG E 247 -3.89 13.61 -23.39
C ARG E 247 -5.18 12.87 -23.06
N GLU E 276 -10.93 24.72 -12.93
CA GLU E 276 -12.30 25.18 -12.99
C GLU E 276 -13.28 24.02 -12.84
N HIS E 277 -12.95 22.90 -13.46
CA HIS E 277 -13.81 21.72 -13.38
C HIS E 277 -13.91 21.20 -11.96
N LYS E 278 -12.77 21.12 -11.26
CA LYS E 278 -12.74 20.55 -9.91
C LYS E 278 -12.61 21.60 -8.81
N ALA E 279 -12.03 22.77 -9.10
CA ALA E 279 -11.91 23.79 -8.08
C ALA E 279 -13.26 24.39 -7.69
N LEU E 280 -14.17 24.51 -8.66
CA LEU E 280 -15.47 25.10 -8.38
C LEU E 280 -16.29 24.24 -7.43
N ARG E 281 -16.29 22.92 -7.62
CA ARG E 281 -17.17 22.05 -6.84
C ARG E 281 -16.75 21.93 -5.38
N THR E 282 -15.57 22.41 -5.02
CA THR E 282 -15.14 22.50 -3.63
C THR E 282 -15.17 23.92 -3.11
N LEU E 283 -14.74 24.88 -3.93
CA LEU E 283 -14.82 26.29 -3.55
C LEU E 283 -16.26 26.69 -3.25
N SER E 284 -17.22 26.16 -4.01
CA SER E 284 -18.62 26.50 -3.78
C SER E 284 -19.07 26.02 -2.40
N VAL E 285 -18.80 24.77 -2.07
CA VAL E 285 -19.22 24.25 -0.77
C VAL E 285 -18.54 24.99 0.36
N ILE E 286 -17.28 25.39 0.17
CA ILE E 286 -16.54 25.97 1.28
C ILE E 286 -16.82 27.45 1.45
N MET E 287 -17.04 28.18 0.35
CA MET E 287 -17.18 29.64 0.36
C MET E 287 -18.59 30.11 0.02
N GLY E 288 -19.56 29.21 -0.13
CA GLY E 288 -20.90 29.67 -0.43
C GLY E 288 -21.94 29.20 0.57
N THR E 289 -21.73 28.05 1.20
CA THR E 289 -22.63 27.63 2.25
C THR E 289 -22.60 28.62 3.40
N PHE E 290 -21.39 28.99 3.84
CA PHE E 290 -21.23 29.97 4.90
C PHE E 290 -21.81 31.32 4.50
N THR E 291 -21.64 31.69 3.22
CA THR E 291 -22.19 32.95 2.74
C THR E 291 -23.72 32.94 2.79
N LEU E 292 -24.34 31.94 2.17
CA LEU E 292 -25.80 31.86 2.13
C LEU E 292 -26.39 31.68 3.52
N CYS E 293 -25.60 31.18 4.47
CA CYS E 293 -26.09 31.09 5.84
C CYS E 293 -26.04 32.45 6.54
N TRP E 294 -24.88 33.11 6.53
CA TRP E 294 -24.66 34.23 7.43
C TRP E 294 -24.84 35.60 6.77
N LEU E 295 -24.40 35.78 5.52
CA LEU E 295 -24.40 37.10 4.91
C LEU E 295 -25.77 37.79 4.91
N PRO E 296 -26.89 37.13 4.59
CA PRO E 296 -28.17 37.83 4.69
C PRO E 296 -28.43 38.36 6.09
N PHE E 297 -28.07 37.59 7.11
CA PHE E 297 -28.25 38.05 8.48
C PHE E 297 -27.38 39.26 8.79
N PHE E 298 -26.12 39.21 8.41
CA PHE E 298 -25.23 40.31 8.78
C PHE E 298 -25.38 41.52 7.89
N ILE E 299 -26.16 41.44 6.81
CA ILE E 299 -26.56 42.65 6.12
C ILE E 299 -27.90 43.17 6.64
N VAL E 300 -28.79 42.27 7.09
CA VAL E 300 -30.03 42.77 7.67
C VAL E 300 -29.75 43.43 9.00
N ASN E 301 -28.67 43.05 9.69
CA ASN E 301 -28.30 43.77 10.91
C ASN E 301 -27.99 45.23 10.62
N ILE E 302 -27.17 45.49 9.60
CA ILE E 302 -26.87 46.87 9.23
C ILE E 302 -28.12 47.57 8.74
N VAL E 303 -29.00 46.84 8.04
CA VAL E 303 -30.23 47.46 7.55
C VAL E 303 -31.12 47.90 8.70
N HIS E 304 -31.26 47.04 9.72
CA HIS E 304 -32.13 47.34 10.86
C HIS E 304 -31.48 48.26 11.89
N VAL E 305 -30.18 48.45 11.81
CA VAL E 305 -29.51 49.39 12.71
C VAL E 305 -29.40 50.78 12.09
N ILE E 306 -29.09 50.85 10.80
CA ILE E 306 -28.95 52.14 10.14
C ILE E 306 -30.30 52.87 10.11
N GLN E 307 -31.35 52.15 9.76
CA GLN E 307 -32.68 52.76 9.66
C GLN E 307 -33.72 51.76 10.13
N ASP E 308 -34.54 52.17 11.08
CA ASP E 308 -35.59 51.31 11.61
C ASP E 308 -36.75 51.27 10.62
N ASN E 309 -37.81 50.56 10.98
CA ASN E 309 -39.00 50.41 10.15
C ASN E 309 -38.68 49.82 8.77
N LEU E 310 -37.63 49.02 8.68
CA LEU E 310 -37.24 48.37 7.44
C LEU E 310 -37.43 46.86 7.50
N ILE E 311 -36.82 46.20 8.49
CA ILE E 311 -37.03 44.78 8.71
C ILE E 311 -37.76 44.60 10.03
N ARG E 312 -38.46 43.48 10.15
CA ARG E 312 -39.27 43.18 11.30
C ARG E 312 -38.56 42.16 12.19
N LYS E 313 -39.07 42.03 13.41
CA LYS E 313 -38.46 41.10 14.37
C LYS E 313 -38.54 39.68 13.87
N GLU E 314 -39.68 39.28 13.28
CA GLU E 314 -39.83 37.90 12.84
C GLU E 314 -38.85 37.56 11.72
N VAL E 315 -38.72 38.45 10.74
CA VAL E 315 -37.77 38.20 9.66
C VAL E 315 -36.35 38.22 10.18
N TYR E 316 -36.07 39.11 11.13
CA TYR E 316 -34.77 39.16 11.79
C TYR E 316 -34.43 37.80 12.40
N ILE E 317 -35.38 37.24 13.15
CA ILE E 317 -35.15 35.95 13.79
C ILE E 317 -34.98 34.85 12.75
N LEU E 318 -35.77 34.90 11.67
CA LEU E 318 -35.67 33.88 10.65
C LEU E 318 -34.29 33.88 10.00
N LEU E 319 -33.77 35.07 9.69
CA LEU E 319 -32.43 35.16 9.12
C LEU E 319 -31.39 34.66 10.12
N ASN E 320 -31.57 34.99 11.40
CA ASN E 320 -30.67 34.47 12.42
C ASN E 320 -30.63 32.96 12.41
N TRP E 321 -31.81 32.34 12.35
CA TRP E 321 -31.85 30.88 12.44
C TRP E 321 -31.30 30.23 11.18
N ILE E 322 -31.61 30.78 9.99
CA ILE E 322 -31.02 30.22 8.79
C ILE E 322 -29.51 30.43 8.77
N GLY E 323 -29.01 31.40 9.55
CA GLY E 323 -27.58 31.48 9.75
C GLY E 323 -27.04 30.47 10.74
N TYR E 324 -27.86 30.06 11.70
CA TYR E 324 -27.42 29.10 12.71
C TYR E 324 -27.05 27.74 12.14
N VAL E 325 -27.47 27.44 10.91
CA VAL E 325 -27.33 26.08 10.39
C VAL E 325 -25.93 25.79 9.87
N ASN E 326 -25.12 26.80 9.58
CA ASN E 326 -23.78 26.54 9.05
C ASN E 326 -22.90 25.88 10.10
N SER E 327 -23.13 26.16 11.38
CA SER E 327 -22.36 25.54 12.44
C SER E 327 -22.67 24.06 12.61
N GLY E 328 -23.76 23.58 12.02
CA GLY E 328 -24.06 22.17 12.02
C GLY E 328 -23.68 21.54 10.70
N PHE E 329 -23.69 22.34 9.64
CA PHE E 329 -23.23 21.86 8.35
C PHE E 329 -21.72 21.63 8.34
N ASN E 330 -20.96 22.49 9.01
CA ASN E 330 -19.52 22.55 8.77
C ASN E 330 -18.72 21.30 9.13
N PRO E 331 -19.18 20.37 9.99
CA PRO E 331 -18.47 19.09 10.05
C PRO E 331 -18.49 18.36 8.72
N LEU E 332 -19.61 18.43 7.99
CA LEU E 332 -19.68 17.82 6.67
C LEU E 332 -18.87 18.58 5.63
N ILE E 333 -18.80 19.91 5.74
CA ILE E 333 -18.03 20.69 4.79
C ILE E 333 -16.53 20.48 4.99
N TYR E 334 -16.08 20.39 6.24
CA TYR E 334 -14.66 20.37 6.54
C TYR E 334 -14.15 19.01 7.02
N CYS E 335 -14.96 17.96 6.92
CA CYS E 335 -14.49 16.65 7.37
C CYS E 335 -14.91 15.51 6.45
N ARG E 336 -15.22 15.78 5.19
CA ARG E 336 -15.58 14.70 4.27
C ARG E 336 -14.36 14.18 3.51
N SER E 337 -13.29 13.90 4.28
CA SER E 337 -12.06 13.37 3.73
C SER E 337 -11.82 11.95 4.21
N PRO E 338 -11.31 11.06 3.34
CA PRO E 338 -11.24 9.63 3.70
C PRO E 338 -10.41 9.35 4.95
N ASP E 339 -9.36 10.12 5.22
CA ASP E 339 -8.52 9.85 6.38
C ASP E 339 -9.31 9.95 7.68
N PHE E 340 -10.12 11.01 7.82
CA PHE E 340 -10.98 11.14 8.98
C PHE E 340 -12.21 10.24 8.89
N ARG E 341 -12.69 9.98 7.67
CA ARG E 341 -13.89 9.17 7.50
C ARG E 341 -13.66 7.73 7.89
N ILE E 342 -12.43 7.23 7.73
CA ILE E 342 -12.12 5.88 8.17
C ILE E 342 -12.29 5.77 9.68
N ALA E 343 -11.76 6.74 10.42
CA ALA E 343 -11.97 6.76 11.87
C ALA E 343 -13.43 6.94 12.21
N PHE E 344 -14.14 7.77 11.45
CA PHE E 344 -15.57 7.98 11.69
C PHE E 344 -16.35 6.67 11.57
N GLN E 345 -16.05 5.90 10.52
CA GLN E 345 -16.65 4.58 10.38
C GLN E 345 -16.18 3.62 11.47
N GLU E 346 -14.97 3.79 11.98
CA GLU E 346 -14.51 2.97 13.09
C GLU E 346 -15.31 3.22 14.35
N LEU E 347 -15.92 4.40 14.47
CA LEU E 347 -16.74 4.72 15.63
C LEU E 347 -18.14 4.13 15.56
N LEU E 348 -18.50 3.50 14.43
CA LEU E 348 -19.84 2.91 14.31
C LEU E 348 -20.04 1.79 15.33
N CYS E 349 -19.02 1.00 15.63
CA CYS E 349 -19.33 -0.05 16.63
C CYS E 349 -18.28 0.00 17.75
#